data_7COZ
#
_entry.id   7COZ
#
_cell.length_a   86.229
_cell.length_b   149.366
_cell.length_c   95.377
_cell.angle_alpha   90.000
_cell.angle_beta   97.340
_cell.angle_gamma   90.000
#
_symmetry.space_group_name_H-M   'C 1 2 1'
#
loop_
_entity.id
_entity.type
_entity.pdbx_description
1 polymer 'Glutaminyl-peptide cyclotransferase'
2 non-polymer 'ZINC ION'
3 non-polymer 'SULFATE ION'
4 non-polymer 1-[3-(2-methyl-4-thiophen-2-yl-1,3-thiazol-5-yl)propanoyl]piperidine-4-carboxamide
5 non-polymer 1,2-ETHANEDIOL
6 water water
#
_entity_poly.entity_id   1
_entity_poly.type   'polypeptide(L)'
_entity_poly.pdbx_seq_one_letter_code
;AWPEEKNYHQPAILNSSALRQIAEGTSISEMWQNDLQPLLIERYPGSPGSYAARQHIMQRIQRLQADWVLEIDTFLSQTP
EGERSFSNIISTLNPTAKRHLVLACHYDSKYFSHWNNRVFVGATDSAVPCAMMLELARALDKKLLSLKTVSDSKPDLSLQ
LIFFDGEEAFLHWSPQDSLYGSRHLAAKMASTPHPPGARGTSQLHGMDLLVLLDLIGAPNPTFPNFFPNSARWFERLQAI
EHELHELGLLKDHSLEGRYFQNYSYGGVIQDDHIPFLRRGVPVLHLIPSPFPEVWHTMDDNEENLDESTIDNLNKILQVF
VLEYLHL
;
_entity_poly.pdbx_strand_id   A,B,C
#
loop_
_chem_comp.id
_chem_comp.type
_chem_comp.name
_chem_comp.formula
EDO non-polymer 1,2-ETHANEDIOL 'C2 H6 O2'
Q39 non-polymer 1-[3-(2-methyl-4-thiophen-2-yl-1,3-thiazol-5-yl)propanoyl]piperidine-4-carboxamide 'C17 H21 N3 O2 S2'
SO4 non-polymer 'SULFATE ION' 'O4 S -2'
ZN non-polymer 'ZINC ION' 'Zn 2'
#
# COMPACT_ATOMS: atom_id res chain seq x y z
N ALA A 1 28.82 -13.10 4.12
CA ALA A 1 27.39 -13.17 3.85
C ALA A 1 26.55 -12.76 5.07
N TRP A 2 27.19 -12.66 6.24
CA TRP A 2 26.43 -12.38 7.45
C TRP A 2 25.65 -11.06 7.41
N PRO A 3 26.12 -9.98 6.75
CA PRO A 3 25.26 -8.78 6.66
C PRO A 3 23.93 -9.01 5.93
N GLU A 4 23.77 -10.11 5.20
CA GLU A 4 22.49 -10.41 4.58
C GLU A 4 21.54 -11.19 5.50
N GLU A 5 22.01 -11.65 6.65
CA GLU A 5 21.16 -12.48 7.52
C GLU A 5 19.91 -11.73 7.93
N LYS A 6 20.01 -10.42 8.13
CA LYS A 6 18.85 -9.62 8.54
C LYS A 6 17.72 -9.73 7.51
N ASN A 7 18.04 -10.02 6.24
CA ASN A 7 17.01 -10.09 5.22
C ASN A 7 16.15 -11.35 5.34
N TYR A 8 16.67 -12.38 5.98
CA TYR A 8 15.96 -13.64 6.16
C TYR A 8 15.54 -13.88 7.60
N HIS A 9 15.87 -12.96 8.51
CA HIS A 9 15.60 -13.17 9.92
C HIS A 9 14.11 -13.24 10.19
N GLN A 10 13.71 -14.23 10.97
CA GLN A 10 12.32 -14.46 11.33
C GLN A 10 12.11 -14.26 12.83
N PRO A 11 10.94 -13.80 13.25
CA PRO A 11 10.63 -13.77 14.68
C PRO A 11 10.27 -15.15 15.17
N ALA A 12 10.48 -15.34 16.47
CA ALA A 12 10.00 -16.53 17.19
C ALA A 12 8.76 -16.06 17.94
N ILE A 13 7.59 -16.38 17.40
CA ILE A 13 6.33 -15.76 17.81
C ILE A 13 5.86 -16.38 19.12
N LEU A 14 5.45 -15.54 20.05
CA LEU A 14 5.13 -15.98 21.40
C LEU A 14 3.67 -16.41 21.50
N ASN A 15 3.42 -17.44 22.32
CA ASN A 15 2.06 -17.93 22.50
C ASN A 15 1.29 -17.07 23.51
N SER A 16 0.01 -17.40 23.69
CA SER A 16 -0.88 -16.61 24.54
C SER A 16 -0.34 -16.51 25.96
N SER A 17 0.10 -17.66 26.49
CA SER A 17 0.68 -17.70 27.82
C SER A 17 1.85 -16.72 27.94
N ALA A 18 2.75 -16.75 26.95
CA ALA A 18 3.90 -15.86 26.97
C ALA A 18 3.49 -14.40 26.84
N LEU A 19 2.47 -14.13 26.01
CA LEU A 19 2.01 -12.75 25.84
C LEU A 19 1.42 -12.20 27.13
N ARG A 20 0.68 -13.04 27.88
CA ARG A 20 0.13 -12.58 29.15
C ARG A 20 1.23 -12.26 30.13
N GLN A 21 2.27 -13.11 30.18
CA GLN A 21 3.42 -12.87 31.05
C GLN A 21 4.10 -11.54 30.74
N ILE A 22 4.29 -11.25 29.46
CA ILE A 22 4.93 -9.99 29.09
C ILE A 22 4.06 -8.80 29.50
N ALA A 23 2.75 -8.89 29.22
CA ALA A 23 1.85 -7.78 29.53
C ALA A 23 1.85 -7.47 31.02
N GLU A 24 1.99 -8.50 31.85
CA GLU A 24 1.99 -8.33 33.28
C GLU A 24 3.37 -7.94 33.80
N GLY A 25 4.42 -8.18 33.02
CA GLY A 25 5.79 -7.92 33.45
C GLY A 25 6.26 -6.47 33.36
N THR A 26 5.44 -5.59 32.78
CA THR A 26 5.80 -4.19 32.63
C THR A 26 4.86 -3.33 33.46
N SER A 27 5.40 -2.27 34.04
CA SER A 27 4.68 -1.46 35.03
C SER A 27 4.67 -0.01 34.57
N ILE A 28 3.53 0.45 34.07
CA ILE A 28 3.45 1.82 33.58
C ILE A 28 3.64 2.81 34.73
N SER A 29 3.20 2.44 35.94
CA SER A 29 3.34 3.36 37.07
C SER A 29 4.79 3.47 37.54
N GLU A 30 5.56 2.37 37.49
CA GLU A 30 6.96 2.47 37.86
C GLU A 30 7.77 3.18 36.78
N MET A 31 7.42 2.98 35.51
CA MET A 31 8.07 3.79 34.47
C MET A 31 7.80 5.27 34.67
N TRP A 32 6.53 5.61 34.91
CA TRP A 32 6.13 6.99 35.11
C TRP A 32 6.96 7.65 36.19
N GLN A 33 7.08 6.99 37.35
CA GLN A 33 7.74 7.61 38.48
C GLN A 33 9.26 7.55 38.37
N ASN A 34 9.80 6.41 37.95
CA ASN A 34 11.23 6.17 38.06
C ASN A 34 11.99 6.47 36.78
N ASP A 35 11.33 6.38 35.63
CA ASP A 35 11.96 6.63 34.33
C ASP A 35 11.50 7.91 33.67
N LEU A 36 10.20 8.21 33.68
CA LEU A 36 9.68 9.35 32.93
C LEU A 36 9.85 10.68 33.68
N GLN A 37 9.30 10.76 34.88
CA GLN A 37 9.27 12.05 35.58
C GLN A 37 10.65 12.72 35.72
N PRO A 38 11.75 12.02 36.01
CA PRO A 38 13.05 12.69 36.06
C PRO A 38 13.48 13.34 34.76
N LEU A 39 12.95 12.88 33.63
CA LEU A 39 13.31 13.43 32.33
C LEU A 39 12.47 14.64 31.94
N LEU A 40 11.37 14.91 32.64
CA LEU A 40 10.47 16.01 32.29
C LEU A 40 11.04 17.35 32.76
N ILE A 41 12.18 17.69 32.18
CA ILE A 41 12.95 18.90 32.49
C ILE A 41 13.46 19.48 31.18
N GLU A 42 13.78 20.76 31.21
CA GLU A 42 14.52 21.37 30.11
C GLU A 42 15.87 20.67 29.95
N ARG A 43 16.18 20.20 28.73
CA ARG A 43 17.40 19.42 28.54
C ARG A 43 17.97 19.62 27.14
N TYR A 44 18.02 20.87 26.68
CA TYR A 44 18.68 21.16 25.44
C TYR A 44 20.20 21.06 25.62
N PRO A 45 20.95 20.94 24.53
CA PRO A 45 22.38 20.58 24.67
C PRO A 45 23.15 21.54 25.57
N GLY A 46 23.93 20.96 26.50
CA GLY A 46 24.75 21.71 27.42
C GLY A 46 24.04 22.30 28.61
N SER A 47 22.72 22.28 28.64
CA SER A 47 21.95 22.71 29.79
C SER A 47 22.22 21.80 30.98
N PRO A 48 22.00 22.28 32.22
CA PRO A 48 22.06 21.37 33.37
C PRO A 48 21.17 20.14 33.17
N GLY A 49 20.03 20.30 32.50
CA GLY A 49 19.14 19.17 32.32
C GLY A 49 19.66 18.16 31.31
N SER A 50 20.46 18.62 30.34
CA SER A 50 21.17 17.69 29.47
C SER A 50 22.06 16.75 30.26
N TYR A 51 22.87 17.30 31.18
CA TYR A 51 23.73 16.47 32.00
C TYR A 51 22.92 15.57 32.92
N ALA A 52 21.81 16.10 33.45
CA ALA A 52 21.01 15.32 34.38
C ALA A 52 20.30 14.17 33.68
N ALA A 53 19.82 14.43 32.46
CA ALA A 53 19.13 13.39 31.69
C ALA A 53 20.07 12.26 31.35
N ARG A 54 21.28 12.60 30.88
CA ARG A 54 22.33 11.64 30.60
C ARG A 54 22.63 10.77 31.82
N GLN A 55 22.84 11.41 32.97
CA GLN A 55 23.16 10.67 34.17
C GLN A 55 22.02 9.76 34.60
N HIS A 56 20.78 10.24 34.44
CA HIS A 56 19.61 9.45 34.78
C HIS A 56 19.49 8.22 33.88
N ILE A 57 19.65 8.40 32.57
CA ILE A 57 19.54 7.29 31.65
C ILE A 57 20.63 6.24 31.94
N MET A 58 21.87 6.69 32.12
CA MET A 58 22.94 5.76 32.43
C MET A 58 22.71 5.06 33.77
N GLN A 59 22.24 5.79 34.78
CA GLN A 59 22.05 5.15 36.08
C GLN A 59 20.95 4.09 36.02
N ARG A 60 19.84 4.39 35.36
CA ARG A 60 18.76 3.41 35.24
C ARG A 60 19.22 2.16 34.50
N ILE A 61 20.12 2.31 33.54
CA ILE A 61 20.61 1.13 32.82
C ILE A 61 21.64 0.37 33.66
N GLN A 62 22.53 1.07 34.34
CA GLN A 62 23.58 0.40 35.09
C GLN A 62 23.04 -0.45 36.24
N ARG A 63 21.86 -0.13 36.77
CA ARG A 63 21.33 -0.92 37.87
C ARG A 63 20.77 -2.27 37.44
N LEU A 64 20.63 -2.54 36.15
CA LEU A 64 20.03 -3.80 35.71
C LEU A 64 21.06 -4.93 35.65
N GLN A 65 20.56 -6.16 35.71
CA GLN A 65 21.46 -7.32 35.75
C GLN A 65 22.09 -7.62 34.39
N ALA A 66 21.39 -7.33 33.29
CA ALA A 66 21.93 -7.66 31.98
C ALA A 66 23.23 -6.90 31.75
N ASP A 67 24.08 -7.47 30.90
CA ASP A 67 25.47 -7.02 30.75
C ASP A 67 25.58 -5.82 29.81
N TRP A 68 24.87 -4.74 30.14
CA TRP A 68 24.85 -3.56 29.28
C TRP A 68 26.20 -2.86 29.28
N VAL A 69 26.69 -2.52 28.09
CA VAL A 69 27.93 -1.77 27.93
C VAL A 69 27.55 -0.36 27.51
N LEU A 70 27.82 0.62 28.38
CA LEU A 70 27.50 2.00 28.10
C LEU A 70 28.67 2.70 27.45
N GLU A 71 28.37 3.52 26.45
CA GLU A 71 29.35 4.35 25.77
C GLU A 71 28.74 5.73 25.57
N ILE A 72 29.53 6.77 25.79
CA ILE A 72 29.09 8.12 25.50
C ILE A 72 29.91 8.63 24.33
N ASP A 73 29.21 8.99 23.27
CA ASP A 73 29.80 9.47 22.02
C ASP A 73 29.68 11.00 22.07
N THR A 74 30.74 11.65 22.53
CA THR A 74 30.75 13.09 22.79
C THR A 74 31.57 13.81 21.72
N PHE A 75 31.04 14.91 21.20
CA PHE A 75 31.71 15.61 20.12
C PHE A 75 31.28 17.07 20.13
N LEU A 76 32.05 17.89 19.42
CA LEU A 76 31.75 19.30 19.25
C LEU A 76 31.20 19.56 17.86
N SER A 77 30.28 20.51 17.76
CA SER A 77 29.87 20.98 16.45
C SER A 77 29.46 22.44 16.55
N GLN A 78 29.76 23.18 15.49
CA GLN A 78 29.17 24.51 15.31
C GLN A 78 27.65 24.39 15.25
N THR A 79 26.97 25.43 15.74
CA THR A 79 25.49 25.54 15.74
C THR A 79 25.12 26.98 15.46
N PRO A 80 23.84 27.37 15.50
CA PRO A 80 23.49 28.82 15.55
C PRO A 80 23.84 29.58 16.86
N GLU A 81 23.88 28.88 17.99
CA GLU A 81 24.19 29.50 19.27
C GLU A 81 25.68 29.48 19.54
N GLY A 82 26.43 28.77 18.70
CA GLY A 82 27.86 28.66 18.85
C GLY A 82 28.32 27.24 19.10
N GLU A 83 29.63 27.02 19.03
CA GLU A 83 30.20 25.69 19.24
C GLU A 83 29.63 25.04 20.50
N ARG A 84 28.92 23.93 20.30
CA ARG A 84 28.32 23.21 21.42
C ARG A 84 28.84 21.78 21.51
N SER A 85 28.72 21.21 22.72
CA SER A 85 29.07 19.81 22.96
C SER A 85 27.79 18.98 22.96
N PHE A 86 27.84 17.83 22.28
CA PHE A 86 26.76 16.86 22.17
C PHE A 86 27.28 15.50 22.62
N SER A 87 26.42 14.72 23.28
CA SER A 87 26.79 13.41 23.78
C SER A 87 25.68 12.40 23.48
N ASN A 88 25.89 11.51 22.50
CA ASN A 88 24.98 10.40 22.33
C ASN A 88 25.24 9.35 23.41
N ILE A 89 24.17 8.70 23.86
CA ILE A 89 24.28 7.59 24.79
C ILE A 89 24.02 6.31 24.00
N ILE A 90 25.01 5.41 23.98
CA ILE A 90 24.84 4.10 23.41
C ILE A 90 24.94 3.05 24.52
N SER A 91 23.97 2.14 24.53
CA SER A 91 23.92 1.06 25.51
C SER A 91 23.77 -0.26 24.77
N THR A 92 24.78 -1.13 24.87
CA THR A 92 24.88 -2.29 23.99
C THR A 92 25.00 -3.57 24.80
N LEU A 93 24.20 -4.58 24.44
CA LEU A 93 24.44 -5.95 24.89
C LEU A 93 25.27 -6.66 23.83
N ASN A 94 26.26 -7.43 24.28
CA ASN A 94 27.17 -8.19 23.42
C ASN A 94 27.76 -7.30 22.33
N PRO A 95 28.61 -6.34 22.69
CA PRO A 95 29.11 -5.38 21.67
C PRO A 95 29.83 -6.03 20.49
N THR A 96 30.46 -7.19 20.66
CA THR A 96 31.15 -7.81 19.53
C THR A 96 30.26 -8.77 18.74
N ALA A 97 28.99 -8.93 19.11
CA ALA A 97 28.06 -9.65 18.24
C ALA A 97 27.94 -8.92 16.91
N LYS A 98 27.91 -9.69 15.81
CA LYS A 98 27.93 -9.07 14.50
C LYS A 98 26.69 -8.22 14.26
N ARG A 99 25.56 -8.62 14.83
CA ARG A 99 24.25 -8.05 14.53
C ARG A 99 23.58 -7.49 15.78
N HIS A 100 22.95 -6.33 15.65
CA HIS A 100 22.09 -5.81 16.71
C HIS A 100 20.79 -5.29 16.13
N LEU A 101 19.69 -5.64 16.79
CA LEU A 101 18.49 -4.84 16.74
C LEU A 101 18.74 -3.57 17.54
N VAL A 102 18.38 -2.42 16.96
CA VAL A 102 18.68 -1.14 17.56
C VAL A 102 17.37 -0.40 17.81
N LEU A 103 17.11 -0.08 19.08
CA LEU A 103 16.02 0.82 19.45
C LEU A 103 16.61 2.19 19.78
N ALA A 104 15.91 3.26 19.41
CA ALA A 104 16.49 4.58 19.56
C ALA A 104 15.43 5.63 19.74
N CYS A 105 15.83 6.75 20.36
CA CYS A 105 15.02 7.96 20.47
C CYS A 105 16.01 9.09 20.69
N HIS A 106 15.50 10.32 20.78
CA HIS A 106 16.34 11.46 21.11
C HIS A 106 16.02 11.92 22.53
N TYR A 107 17.06 12.26 23.31
CA TYR A 107 16.83 12.68 24.68
C TYR A 107 16.97 14.18 24.91
N ASP A 108 17.47 14.94 23.93
CA ASP A 108 17.46 16.40 24.03
C ASP A 108 16.04 16.93 23.91
N SER A 109 15.80 18.11 24.50
CA SER A 109 14.56 18.84 24.32
C SER A 109 14.83 20.08 23.47
N LYS A 110 13.85 20.47 22.65
CA LYS A 110 13.99 21.67 21.83
C LYS A 110 14.05 22.91 22.73
N TYR A 111 14.87 23.87 22.34
CA TYR A 111 14.99 25.11 23.10
C TYR A 111 13.86 26.05 22.72
N PHE A 112 13.18 26.59 23.75
CA PHE A 112 12.18 27.62 23.59
C PHE A 112 12.41 28.67 24.68
N SER A 113 12.27 29.94 24.30
CA SER A 113 12.31 31.00 25.30
C SER A 113 11.19 30.77 26.30
N HIS A 114 11.52 30.92 27.59
CA HIS A 114 10.50 30.81 28.62
C HIS A 114 9.46 31.91 28.42
N TRP A 115 8.19 31.55 28.58
CA TRP A 115 7.09 32.49 28.43
C TRP A 115 6.03 32.17 29.45
N ASN A 116 5.60 33.18 30.20
CA ASN A 116 4.62 33.00 31.28
C ASN A 116 5.09 31.92 32.26
N ASN A 117 6.38 31.97 32.60
CA ASN A 117 7.01 31.03 33.53
C ASN A 117 6.75 29.59 33.13
N ARG A 118 6.76 29.32 31.83
CA ARG A 118 6.55 27.98 31.30
C ARG A 118 7.77 27.54 30.50
N VAL A 119 8.17 26.29 30.70
CA VAL A 119 9.34 25.72 30.06
C VAL A 119 8.90 24.51 29.24
N PHE A 120 9.46 24.37 28.04
CA PHE A 120 9.18 23.22 27.19
C PHE A 120 9.97 22.01 27.68
N VAL A 121 9.25 20.93 28.00
CA VAL A 121 9.89 19.69 28.45
C VAL A 121 9.70 18.56 27.46
N GLY A 122 9.01 18.80 26.33
CA GLY A 122 8.86 17.77 25.31
C GLY A 122 8.49 16.41 25.87
N ALA A 123 7.31 16.31 26.47
CA ALA A 123 6.90 15.06 27.12
C ALA A 123 6.84 13.92 26.09
N THR A 124 6.18 14.16 24.96
CA THR A 124 6.16 13.18 23.89
C THR A 124 7.43 13.19 23.05
N ASP A 125 8.26 14.23 23.20
CA ASP A 125 9.23 14.64 22.21
C ASP A 125 10.56 14.96 22.91
N SER A 126 11.27 13.93 23.40
CA SER A 126 10.84 12.53 23.38
C SER A 126 11.07 11.86 24.74
N ALA A 127 10.60 12.51 25.81
CA ALA A 127 10.83 11.95 27.15
C ALA A 127 10.14 10.61 27.32
N VAL A 128 8.91 10.48 26.81
CA VAL A 128 8.20 9.21 26.87
C VAL A 128 8.95 8.13 26.09
N PRO A 129 9.38 8.34 24.84
CA PRO A 129 10.21 7.32 24.19
C PRO A 129 11.43 6.91 24.98
N CYS A 130 12.15 7.86 25.60
CA CYS A 130 13.25 7.50 26.48
C CYS A 130 12.78 6.59 27.61
N ALA A 131 11.68 6.98 28.25
CA ALA A 131 11.17 6.19 29.38
C ALA A 131 10.74 4.81 28.92
N MET A 132 10.15 4.71 27.73
CA MET A 132 9.73 3.42 27.22
C MET A 132 10.92 2.49 27.02
N MET A 133 12.02 3.02 26.47
CA MET A 133 13.20 2.18 26.28
C MET A 133 13.80 1.73 27.61
N LEU A 134 13.84 2.61 28.60
CA LEU A 134 14.34 2.23 29.91
C LEU A 134 13.43 1.19 30.55
N GLU A 135 12.12 1.33 30.37
CA GLU A 135 11.19 0.36 30.95
C GLU A 135 11.31 -0.97 30.24
N LEU A 136 11.50 -0.95 28.92
CA LEU A 136 11.74 -2.20 28.21
C LEU A 136 12.98 -2.91 28.76
N ALA A 137 14.06 -2.16 28.99
CA ALA A 137 15.28 -2.76 29.52
C ALA A 137 15.04 -3.36 30.90
N ARG A 138 14.26 -2.68 31.73
CA ARG A 138 13.96 -3.19 33.06
C ARG A 138 13.03 -4.40 32.98
N ALA A 139 11.91 -4.27 32.26
CA ALA A 139 10.90 -5.33 32.21
C ALA A 139 11.47 -6.62 31.64
N LEU A 140 12.37 -6.51 30.67
CA LEU A 140 12.92 -7.68 29.99
C LEU A 140 14.28 -8.11 30.56
N ASP A 141 14.69 -7.56 31.70
CA ASP A 141 16.06 -7.72 32.19
C ASP A 141 16.45 -9.19 32.33
N LYS A 142 15.61 -10.01 32.95
CA LYS A 142 15.99 -11.42 33.17
C LYS A 142 16.13 -12.15 31.85
N LYS A 143 15.22 -11.91 30.91
CA LYS A 143 15.32 -12.55 29.61
C LYS A 143 16.54 -12.03 28.83
N LEU A 144 16.82 -10.74 28.91
CA LEU A 144 18.00 -10.23 28.21
C LEU A 144 19.29 -10.72 28.86
N LEU A 145 19.25 -10.99 30.17
CA LEU A 145 20.42 -11.54 30.85
C LEU A 145 20.88 -12.85 30.22
N SER A 146 19.96 -13.60 29.61
CA SER A 146 20.34 -14.84 28.94
C SER A 146 21.14 -14.62 27.67
N LEU A 147 21.15 -13.40 27.11
CA LEU A 147 22.03 -13.13 25.98
C LEU A 147 23.51 -13.20 26.36
N LYS A 148 23.84 -13.05 27.64
CA LYS A 148 25.21 -13.22 28.12
C LYS A 148 25.68 -14.66 27.98
N THR A 149 24.76 -15.59 27.74
CA THR A 149 25.09 -17.01 27.63
C THR A 149 25.49 -17.31 26.19
N VAL A 150 26.76 -17.63 25.99
CA VAL A 150 27.26 -18.05 24.69
C VAL A 150 26.67 -19.41 24.35
N SER A 151 26.09 -19.52 23.15
CA SER A 151 25.57 -20.79 22.67
C SER A 151 25.53 -20.74 21.15
N ASP A 152 26.21 -21.68 20.49
CA ASP A 152 26.46 -21.60 19.05
C ASP A 152 25.18 -21.69 18.23
N SER A 153 24.09 -22.18 18.81
CA SER A 153 22.83 -22.35 18.09
C SER A 153 22.24 -21.01 17.64
N PRO A 155 21.53 -17.22 16.22
CA PRO A 155 22.25 -16.20 15.47
C PRO A 155 23.08 -15.27 16.35
N ASP A 156 24.07 -14.62 15.73
CA ASP A 156 24.99 -13.75 16.45
C ASP A 156 24.38 -12.35 16.53
N LEU A 157 23.31 -12.27 17.34
CA LEU A 157 22.37 -11.15 17.33
C LEU A 157 22.04 -10.71 18.75
N SER A 158 22.10 -9.40 19.02
CA SER A 158 21.77 -8.91 20.34
C SER A 158 21.04 -7.58 20.19
N LEU A 159 20.96 -6.81 21.30
CA LEU A 159 20.16 -5.60 21.40
C LEU A 159 21.03 -4.39 21.72
N GLN A 160 20.73 -3.26 21.08
CA GLN A 160 21.38 -2.00 21.36
C GLN A 160 20.33 -0.91 21.53
N LEU A 161 20.57 0.00 22.48
CA LEU A 161 19.76 1.19 22.66
C LEU A 161 20.59 2.42 22.32
N ILE A 162 20.00 3.37 21.59
CA ILE A 162 20.66 4.65 21.32
C ILE A 162 19.77 5.79 21.77
N PHE A 163 20.31 6.69 22.59
CA PHE A 163 19.65 7.94 22.95
C PHE A 163 20.42 9.07 22.28
N PHE A 164 19.89 9.59 21.17
CA PHE A 164 20.58 10.64 20.42
C PHE A 164 20.48 11.97 21.14
N ASP A 165 21.58 12.72 21.14
CA ASP A 165 21.58 14.11 21.55
C ASP A 165 21.38 14.99 20.31
N GLY A 166 20.90 16.22 20.54
CA GLY A 166 20.89 17.21 19.47
C GLY A 166 20.01 16.89 18.27
N GLU A 167 18.92 16.14 18.46
CA GLU A 167 18.01 15.93 17.33
C GLU A 167 17.39 17.23 16.87
N GLU A 168 17.05 18.14 17.78
CA GLU A 168 16.26 19.31 17.41
C GLU A 168 17.12 20.44 16.85
N ALA A 169 16.51 21.21 15.95
CA ALA A 169 17.11 22.47 15.53
C ALA A 169 17.21 23.45 16.69
N PHE A 170 18.29 24.23 16.71
CA PHE A 170 18.41 25.35 17.65
C PHE A 170 17.55 26.51 17.18
N LEU A 171 17.56 26.77 15.88
CA LEU A 171 16.85 27.89 15.28
C LEU A 171 15.80 27.32 14.36
N HIS A 172 16.05 27.29 13.05
CA HIS A 172 15.12 26.76 12.07
C HIS A 172 15.68 25.48 11.48
N TRP A 173 14.83 24.46 11.40
CA TRP A 173 15.26 23.15 10.88
C TRP A 173 15.92 23.29 9.52
N SER A 174 17.13 22.74 9.42
CA SER A 174 17.87 22.75 8.17
C SER A 174 18.84 21.59 8.19
N PRO A 175 19.44 21.25 7.04
CA PRO A 175 20.43 20.16 7.04
C PRO A 175 21.58 20.37 8.00
N GLN A 176 22.00 21.61 8.26
CA GLN A 176 23.07 21.87 9.19
C GLN A 176 22.57 22.40 10.53
N ASP A 177 21.26 22.43 10.73
CA ASP A 177 20.68 22.81 11.99
C ASP A 177 19.67 21.78 12.45
N SER A 178 20.12 20.53 12.65
CA SER A 178 19.28 19.42 13.08
C SER A 178 20.16 18.19 13.09
N LEU A 179 19.66 17.13 13.75
CA LEU A 179 20.23 15.79 13.71
C LEU A 179 21.72 15.76 14.06
N TYR A 180 22.10 16.64 15.00
CA TYR A 180 23.52 16.76 15.32
C TYR A 180 24.07 15.41 15.78
N GLY A 181 23.39 14.77 16.75
CA GLY A 181 23.88 13.52 17.27
C GLY A 181 23.82 12.38 16.27
N SER A 182 22.68 12.26 15.58
CA SER A 182 22.53 11.14 14.66
C SER A 182 23.42 11.29 13.42
N ARG A 183 23.64 12.51 12.93
CA ARG A 183 24.53 12.62 11.77
C ARG A 183 25.95 12.23 12.16
N HIS A 184 26.37 12.64 13.35
CA HIS A 184 27.72 12.29 13.81
C HIS A 184 27.86 10.80 14.02
N LEU A 185 26.89 10.18 14.71
CA LEU A 185 27.03 8.77 15.07
C LEU A 185 26.92 7.87 13.84
N ALA A 186 26.01 8.20 12.92
CA ALA A 186 25.95 7.43 11.68
C ALA A 186 27.26 7.49 10.90
N ALA A 187 27.85 8.68 10.79
CA ALA A 187 29.12 8.79 10.08
C ALA A 187 30.21 7.98 10.77
N LYS A 188 30.28 8.06 12.11
CA LYS A 188 31.29 7.29 12.85
C LYS A 188 31.09 5.79 12.63
N MET A 189 29.85 5.31 12.78
CA MET A 189 29.58 3.88 12.61
C MET A 189 29.93 3.42 11.20
N ALA A 190 29.62 4.26 10.19
CA ALA A 190 29.92 3.92 8.81
C ALA A 190 31.41 3.71 8.60
N SER A 191 32.25 4.41 9.36
CA SER A 191 33.69 4.37 9.23
CA SER A 191 33.69 4.33 9.18
C SER A 191 34.36 3.32 10.10
N THR A 192 33.60 2.62 10.95
CA THR A 192 34.18 1.74 11.95
C THR A 192 34.00 0.28 11.55
N PRO A 193 35.09 -0.47 11.44
CA PRO A 193 34.97 -1.89 11.11
C PRO A 193 34.11 -2.62 12.13
N HIS A 194 33.31 -3.57 11.63
CA HIS A 194 32.58 -4.45 12.51
C HIS A 194 32.39 -5.80 11.83
N PRO A 195 32.65 -6.93 12.50
CA PRO A 195 33.26 -7.03 13.84
C PRO A 195 34.68 -6.47 13.82
N PRO A 196 35.28 -6.25 14.98
CA PRO A 196 36.64 -5.68 15.00
C PRO A 196 37.59 -6.52 14.16
N GLY A 197 38.47 -5.83 13.42
CA GLY A 197 39.37 -6.51 12.52
C GLY A 197 38.77 -6.93 11.20
N ALA A 198 37.48 -6.72 10.99
CA ALA A 198 36.85 -7.20 9.77
C ALA A 198 37.29 -6.38 8.56
N ARG A 199 37.08 -6.97 7.39
CA ARG A 199 37.40 -6.31 6.12
C ARG A 199 36.11 -5.95 5.38
N GLY A 200 35.97 -4.68 5.02
CA GLY A 200 34.79 -4.20 4.33
C GLY A 200 33.59 -3.83 5.17
N THR A 201 33.16 -4.70 6.10
CA THR A 201 31.91 -4.47 6.81
C THR A 201 32.09 -3.40 7.89
N SER A 202 31.05 -2.57 8.07
CA SER A 202 31.04 -1.49 9.05
C SER A 202 30.07 -1.81 10.19
N GLN A 203 30.11 -0.96 11.22
CA GLN A 203 29.08 -1.07 12.25
C GLN A 203 27.67 -0.87 11.70
N LEU A 204 27.52 -0.15 10.58
CA LEU A 204 26.18 -0.02 10.00
C LEU A 204 25.69 -1.34 9.38
N HIS A 205 26.58 -2.16 8.85
CA HIS A 205 26.17 -3.50 8.40
C HIS A 205 25.63 -4.31 9.56
N GLY A 206 26.15 -4.04 10.76
CA GLY A 206 25.69 -4.75 11.94
C GLY A 206 24.28 -4.39 12.36
N MET A 207 23.76 -3.24 11.92
CA MET A 207 22.44 -2.80 12.36
C MET A 207 21.39 -3.58 11.58
N ASP A 208 20.78 -4.57 12.23
CA ASP A 208 19.71 -5.35 11.60
C ASP A 208 18.56 -4.46 11.19
N LEU A 209 18.18 -3.56 12.09
CA LEU A 209 16.95 -2.78 11.98
C LEU A 209 17.05 -1.68 13.02
N LEU A 210 16.78 -0.45 12.62
CA LEU A 210 16.71 0.70 13.51
C LEU A 210 15.24 1.00 13.77
N VAL A 211 14.82 0.83 15.03
CA VAL A 211 13.48 1.13 15.47
C VAL A 211 13.56 2.45 16.23
N LEU A 212 13.09 3.51 15.59
CA LEU A 212 13.22 4.87 16.10
C LEU A 212 11.86 5.32 16.62
N LEU A 213 11.78 5.55 17.94
CA LEU A 213 10.59 6.05 18.59
CA LEU A 213 10.58 6.05 18.59
C LEU A 213 10.65 7.56 18.71
N ASP A 214 9.57 8.24 18.31
CA ASP A 214 9.55 9.69 18.39
C ASP A 214 8.10 10.17 18.51
N LEU A 215 7.87 11.19 19.36
CA LEU A 215 6.55 11.83 19.48
C LEU A 215 5.48 10.82 19.91
N ILE A 216 5.78 10.07 20.96
CA ILE A 216 4.88 9.06 21.49
C ILE A 216 4.40 9.53 22.86
N GLY A 217 3.10 9.35 23.12
CA GLY A 217 2.56 9.65 24.43
C GLY A 217 1.17 10.27 24.38
N ALA A 218 0.81 10.84 23.23
CA ALA A 218 -0.51 11.42 23.01
C ALA A 218 -1.56 10.32 22.85
N PRO A 219 -2.83 10.64 23.08
CA PRO A 219 -3.88 9.63 22.85
C PRO A 219 -4.13 9.44 21.36
N ASN A 220 -4.67 8.25 21.04
CA ASN A 220 -5.04 7.87 19.69
C ASN A 220 -3.99 8.13 18.62
N PRO A 221 -2.75 7.69 18.83
CA PRO A 221 -1.75 7.84 17.77
C PRO A 221 -2.06 6.93 16.60
N THR A 222 -1.70 7.39 15.41
CA THR A 222 -1.78 6.58 14.20
C THR A 222 -0.41 6.55 13.54
N PHE A 223 0.20 5.37 13.51
CA PHE A 223 1.53 5.19 12.94
C PHE A 223 1.40 4.66 11.51
N PRO A 224 1.87 5.38 10.51
CA PRO A 224 1.89 4.85 9.13
C PRO A 224 3.05 3.88 8.92
N ASN A 225 2.86 2.98 7.95
CA ASN A 225 3.91 2.04 7.55
C ASN A 225 4.81 2.72 6.51
N PHE A 226 5.95 3.25 6.94
CA PHE A 226 6.68 4.19 6.08
C PHE A 226 7.45 3.50 4.95
N PHE A 227 8.09 2.36 5.21
CA PHE A 227 9.12 1.85 4.31
C PHE A 227 8.87 0.40 3.88
N PRO A 228 8.97 0.12 2.57
CA PRO A 228 8.80 -1.27 2.11
C PRO A 228 9.80 -2.27 2.70
N ASN A 229 11.07 -1.89 2.86
CA ASN A 229 12.03 -2.86 3.42
C ASN A 229 11.88 -3.06 4.93
N SER A 230 10.97 -2.36 5.60
CA SER A 230 10.65 -2.67 6.99
C SER A 230 9.19 -3.08 7.16
N ALA A 231 8.43 -3.13 6.06
CA ALA A 231 6.99 -3.35 6.11
C ALA A 231 6.64 -4.66 6.80
N ARG A 232 7.44 -5.72 6.57
CA ARG A 232 7.13 -6.98 7.22
C ARG A 232 7.29 -6.88 8.73
N TRP A 233 8.20 -6.04 9.21
CA TRP A 233 8.32 -5.84 10.65
C TRP A 233 7.21 -4.95 11.19
N PHE A 234 6.84 -3.92 10.43
CA PHE A 234 5.65 -3.15 10.79
C PHE A 234 4.42 -4.04 10.91
N GLU A 235 4.27 -5.00 10.00
CA GLU A 235 3.11 -5.88 10.09
C GLU A 235 3.14 -6.73 11.36
N ARG A 236 4.33 -7.08 11.87
CA ARG A 236 4.39 -7.79 13.15
C ARG A 236 3.86 -6.93 14.27
N LEU A 237 4.19 -5.63 14.28
CA LEU A 237 3.60 -4.72 15.26
C LEU A 237 2.07 -4.73 15.18
N GLN A 238 1.52 -4.71 13.97
CA GLN A 238 0.06 -4.76 13.83
C GLN A 238 -0.50 -6.06 14.40
N ALA A 239 0.15 -7.18 14.10
CA ALA A 239 -0.34 -8.48 14.57
C ALA A 239 -0.22 -8.59 16.08
N ILE A 240 0.84 -8.04 16.66
CA ILE A 240 0.98 -8.06 18.12
C ILE A 240 -0.10 -7.21 18.76
N GLU A 241 -0.32 -6.01 18.22
CA GLU A 241 -1.38 -5.15 18.73
C GLU A 241 -2.72 -5.87 18.68
N HIS A 242 -3.03 -6.49 17.54
CA HIS A 242 -4.31 -7.18 17.38
C HIS A 242 -4.45 -8.34 18.36
N GLU A 243 -3.38 -9.12 18.55
CA GLU A 243 -3.45 -10.29 19.41
C GLU A 243 -3.56 -9.88 20.88
N LEU A 244 -2.77 -8.90 21.31
CA LEU A 244 -2.87 -8.42 22.68
C LEU A 244 -4.27 -7.88 22.97
N HIS A 245 -4.87 -7.19 22.00
CA HIS A 245 -6.23 -6.68 22.18
C HIS A 245 -7.22 -7.84 22.32
N GLU A 246 -7.13 -8.82 21.41
CA GLU A 246 -8.05 -9.95 21.46
C GLU A 246 -7.96 -10.70 22.77
N LEU A 247 -6.76 -10.79 23.34
CA LEU A 247 -6.53 -11.49 24.59
C LEU A 247 -6.91 -10.67 25.82
N GLY A 248 -7.43 -9.46 25.62
CA GLY A 248 -7.79 -8.61 26.74
C GLY A 248 -6.64 -8.03 27.53
N LEU A 249 -5.46 -7.90 26.92
CA LEU A 249 -4.26 -7.43 27.60
C LEU A 249 -3.92 -5.98 27.30
N LEU A 250 -4.78 -5.25 26.60
CA LEU A 250 -4.62 -3.83 26.38
C LEU A 250 -5.74 -3.09 27.10
N LYS A 251 -5.46 -1.86 27.52
CA LYS A 251 -6.41 -1.04 28.26
C LYS A 251 -6.90 0.11 27.39
N ASP A 252 -8.23 0.33 27.40
CA ASP A 252 -8.85 1.46 26.70
C ASP A 252 -8.54 1.44 25.21
N HIS A 253 -8.56 0.26 24.61
CA HIS A 253 -8.13 0.06 23.24
C HIS A 253 -9.26 -0.57 22.42
N SER A 254 -9.46 -0.06 21.22
CA SER A 254 -10.45 -0.62 20.31
C SER A 254 -9.79 -0.96 18.97
N LEU A 255 -10.43 -1.88 18.25
CA LEU A 255 -9.92 -2.27 16.94
C LEU A 255 -10.00 -1.12 15.94
N GLU A 256 -11.06 -0.32 16.01
CA GLU A 256 -11.16 0.84 15.13
C GLU A 256 -10.23 1.97 15.57
N GLY A 257 -9.86 2.02 16.85
CA GLY A 257 -8.87 2.98 17.31
C GLY A 257 -7.51 2.36 17.49
N ARG A 258 -7.09 1.51 16.55
CA ARG A 258 -5.78 0.86 16.64
C ARG A 258 -4.67 1.82 16.23
N TYR A 259 -3.45 1.51 16.67
CA TYR A 259 -2.31 2.41 16.51
C TYR A 259 -1.59 2.23 15.18
N PHE A 260 -1.38 0.99 14.75
CA PHE A 260 -0.52 0.67 13.61
C PHE A 260 -1.37 0.46 12.36
N GLN A 261 -1.18 1.32 11.36
CA GLN A 261 -2.09 1.53 10.25
C GLN A 261 -1.61 0.83 8.98
N ASN A 262 -2.57 0.42 8.14
CA ASN A 262 -2.19 -0.23 6.88
C ASN A 262 -1.51 0.75 5.94
N TYR A 263 -1.96 2.00 5.92
CA TYR A 263 -1.50 2.89 4.87
C TYR A 263 -0.09 3.39 5.18
N SER A 264 0.53 3.96 4.15
CA SER A 264 1.85 4.55 4.28
CA SER A 264 1.85 4.56 4.24
C SER A 264 1.71 6.07 4.36
N TYR A 265 2.77 6.79 4.03
CA TYR A 265 2.83 8.23 4.21
C TYR A 265 3.30 8.87 2.91
N GLY A 266 2.76 10.07 2.64
CA GLY A 266 2.95 10.73 1.35
C GLY A 266 4.21 11.55 1.21
N GLY A 267 4.81 11.99 2.31
CA GLY A 267 6.03 12.75 2.29
C GLY A 267 7.22 11.98 2.84
N VAL A 268 8.25 12.73 3.21
CA VAL A 268 9.45 12.17 3.83
C VAL A 268 9.68 12.90 5.14
N ILE A 269 9.54 12.20 6.26
CA ILE A 269 9.76 12.85 7.56
C ILE A 269 11.25 12.86 7.87
N GLN A 270 11.76 14.01 8.29
CA GLN A 270 13.15 14.13 8.70
C GLN A 270 13.23 13.83 10.19
N ASP A 271 14.19 12.98 10.57
CA ASP A 271 14.36 12.56 11.95
C ASP A 271 15.71 11.85 12.06
N ASP A 272 16.00 11.34 13.26
CA ASP A 272 17.30 10.75 13.54
C ASP A 272 17.63 9.56 12.67
N HIS A 273 16.65 8.97 11.97
CA HIS A 273 16.95 7.81 11.13
C HIS A 273 17.53 8.18 9.77
N ILE A 274 17.42 9.43 9.36
CA ILE A 274 17.84 9.81 8.01
C ILE A 274 19.30 9.46 7.73
N PRO A 275 20.26 9.82 8.59
CA PRO A 275 21.66 9.48 8.29
C PRO A 275 21.91 7.98 8.20
N PHE A 276 21.09 7.18 8.86
CA PHE A 276 21.20 5.73 8.78
C PHE A 276 20.50 5.20 7.54
N LEU A 277 19.29 5.69 7.28
CA LEU A 277 18.52 5.27 6.11
C LEU A 277 19.26 5.56 4.81
N ARG A 278 19.85 6.74 4.68
CA ARG A 278 20.54 7.08 3.44
C ARG A 278 21.77 6.22 3.19
N ARG A 279 22.26 5.51 4.20
CA ARG A 279 23.39 4.60 4.05
C ARG A 279 22.95 3.13 4.02
N GLY A 280 21.65 2.87 3.85
CA GLY A 280 21.17 1.51 3.64
C GLY A 280 20.63 0.77 4.85
N VAL A 281 20.63 1.37 6.03
CA VAL A 281 20.11 0.67 7.23
C VAL A 281 18.59 0.60 7.16
N PRO A 282 17.99 -0.57 7.33
CA PRO A 282 16.53 -0.64 7.39
C PRO A 282 16.01 0.05 8.64
N VAL A 283 14.90 0.77 8.49
CA VAL A 283 14.37 1.63 9.53
C VAL A 283 12.91 1.32 9.76
N LEU A 284 12.53 1.17 11.00
CA LEU A 284 11.14 1.15 11.43
C LEU A 284 10.91 2.44 12.20
N HIS A 285 10.32 3.44 11.54
CA HIS A 285 10.15 4.78 12.13
C HIS A 285 8.82 4.87 12.87
N LEU A 286 8.86 4.68 14.19
CA LEU A 286 7.66 4.70 15.00
C LEU A 286 7.40 6.13 15.47
N ILE A 287 6.92 6.92 14.51
CA ILE A 287 6.49 8.30 14.73
C ILE A 287 5.07 8.36 14.18
N PRO A 288 4.15 9.02 14.87
CA PRO A 288 2.77 9.08 14.37
C PRO A 288 2.59 10.15 13.30
N SER A 289 1.51 10.00 12.54
CA SER A 289 1.09 11.03 11.61
C SER A 289 -0.44 11.02 11.69
N PRO A 290 -1.06 12.13 12.12
CA PRO A 290 -0.38 13.39 12.42
C PRO A 290 0.44 13.35 13.72
N PHE A 291 1.37 14.30 13.85
CA PHE A 291 2.04 14.53 15.14
C PHE A 291 1.00 14.81 16.22
N PRO A 292 1.37 14.63 17.51
CA PRO A 292 0.47 15.05 18.60
C PRO A 292 0.04 16.49 18.45
N GLU A 293 -1.20 16.75 18.87
CA GLU A 293 -1.71 18.12 18.87
C GLU A 293 -0.77 19.09 19.58
N VAL A 294 -0.13 18.65 20.67
CA VAL A 294 0.66 19.53 21.52
C VAL A 294 2.04 19.82 20.93
N TRP A 295 2.30 19.31 19.72
CA TRP A 295 3.68 19.27 19.20
C TRP A 295 4.31 20.65 19.14
N HIS A 296 5.50 20.76 19.74
CA HIS A 296 6.29 22.00 19.78
C HIS A 296 5.50 23.15 20.40
N THR A 297 4.66 22.83 21.37
CA THR A 297 4.01 23.83 22.22
C THR A 297 4.29 23.49 23.68
N MET A 298 4.07 24.48 24.54
CA MET A 298 4.28 24.30 25.97
C MET A 298 3.31 23.29 26.57
N ASP A 299 2.26 22.92 25.86
CA ASP A 299 1.35 21.89 26.33
C ASP A 299 1.87 20.47 26.06
N ASP A 300 3.04 20.32 25.44
CA ASP A 300 3.62 18.97 25.36
C ASP A 300 4.22 18.63 26.73
N ASN A 301 3.34 18.28 27.66
CA ASN A 301 3.70 18.12 29.05
C ASN A 301 3.08 16.83 29.58
N GLU A 302 3.34 16.57 30.87
CA GLU A 302 2.85 15.35 31.52
C GLU A 302 1.33 15.26 31.49
N GLU A 303 0.64 16.35 31.78
CA GLU A 303 -0.82 16.34 31.88
C GLU A 303 -1.47 15.86 30.60
N ASN A 304 -0.85 16.12 29.46
CA ASN A 304 -1.44 15.78 28.18
C ASN A 304 -1.00 14.41 27.65
N LEU A 305 -0.16 13.70 28.41
CA LEU A 305 0.15 12.32 28.08
C LEU A 305 -1.04 11.41 28.41
N ASP A 306 -1.11 10.28 27.72
CA ASP A 306 -2.14 9.28 27.98
CA ASP A 306 -2.14 9.28 27.96
C ASP A 306 -1.47 8.01 28.47
N GLU A 307 -1.68 7.69 29.76
CA GLU A 307 -0.97 6.58 30.38
C GLU A 307 -1.32 5.23 29.75
N SER A 308 -2.59 5.02 29.40
CA SER A 308 -2.99 3.73 28.86
C SER A 308 -2.37 3.48 27.49
N THR A 309 -2.36 4.51 26.64
CA THR A 309 -1.70 4.41 25.34
C THR A 309 -0.25 3.97 25.49
N ILE A 310 0.49 4.63 26.38
CA ILE A 310 1.92 4.32 26.53
C ILE A 310 2.09 2.91 27.08
N ASP A 311 1.28 2.55 28.07
CA ASP A 311 1.29 1.19 28.60
C ASP A 311 1.05 0.17 27.50
N ASN A 312 0.03 0.41 26.66
CA ASN A 312 -0.25 -0.49 25.54
C ASN A 312 0.95 -0.61 24.60
N LEU A 313 1.54 0.54 24.24
CA LEU A 313 2.68 0.52 23.33
C LEU A 313 3.90 -0.13 23.98
N ASN A 314 4.10 0.04 25.29
CA ASN A 314 5.17 -0.67 25.96
C ASN A 314 5.03 -2.19 25.78
N LYS A 315 3.81 -2.70 25.98
CA LYS A 315 3.57 -4.12 25.82
C LYS A 315 3.85 -4.57 24.39
N ILE A 316 3.39 -3.80 23.41
CA ILE A 316 3.58 -4.17 22.01
C ILE A 316 5.06 -4.20 21.66
N LEU A 317 5.79 -3.15 22.08
CA LEU A 317 7.22 -3.06 21.81
C LEU A 317 8.00 -4.19 22.45
N GLN A 318 7.69 -4.51 23.70
CA GLN A 318 8.44 -5.57 24.41
C GLN A 318 8.22 -6.92 23.75
N VAL A 319 6.97 -7.24 23.37
CA VAL A 319 6.72 -8.46 22.60
C VAL A 319 7.53 -8.45 21.32
N PHE A 320 7.49 -7.34 20.58
CA PHE A 320 8.21 -7.27 19.31
C PHE A 320 9.68 -7.59 19.51
N VAL A 321 10.31 -6.94 20.51
CA VAL A 321 11.73 -7.13 20.76
C VAL A 321 12.02 -8.57 21.19
N LEU A 322 11.23 -9.12 22.11
CA LEU A 322 11.46 -10.51 22.49
C LEU A 322 11.36 -11.44 21.29
N GLU A 323 10.32 -11.25 20.47
CA GLU A 323 10.15 -12.12 19.31
C GLU A 323 11.28 -11.95 18.31
N TYR A 324 11.76 -10.71 18.13
CA TYR A 324 12.89 -10.49 17.22
C TYR A 324 14.12 -11.25 17.71
N LEU A 325 14.41 -11.16 19.00
CA LEU A 325 15.62 -11.74 19.56
C LEU A 325 15.49 -13.23 19.87
N HIS A 326 14.30 -13.81 19.69
CA HIS A 326 14.04 -15.21 20.03
C HIS A 326 14.19 -15.47 21.53
N LEU A 327 13.65 -14.57 22.34
CA LEU A 327 13.73 -14.70 23.78
C LEU A 327 12.34 -14.91 24.38
N ALA B 1 -12.55 -2.57 -29.27
CA ALA B 1 -12.62 -2.42 -27.82
C ALA B 1 -12.17 -3.69 -27.08
N TRP B 2 -12.01 -4.79 -27.81
CA TRP B 2 -11.57 -6.02 -27.15
C TRP B 2 -10.24 -5.90 -26.40
N PRO B 3 -9.27 -5.06 -26.80
CA PRO B 3 -8.06 -4.92 -25.95
C PRO B 3 -8.32 -4.38 -24.54
N GLU B 4 -9.50 -3.82 -24.27
CA GLU B 4 -9.86 -3.37 -22.93
C GLU B 4 -10.55 -4.46 -22.11
N GLU B 5 -10.89 -5.60 -22.72
CA GLU B 5 -11.62 -6.65 -21.99
C GLU B 5 -10.86 -7.10 -20.74
N LYS B 6 -9.52 -7.12 -20.81
CA LYS B 6 -8.71 -7.54 -19.67
C LYS B 6 -8.95 -6.66 -18.46
N ASN B 7 -9.30 -5.40 -18.67
CA ASN B 7 -9.51 -4.48 -17.56
C ASN B 7 -10.76 -4.82 -16.76
N TYR B 8 -11.71 -5.53 -17.35
CA TYR B 8 -12.96 -5.89 -16.69
C TYR B 8 -13.05 -7.38 -16.40
N HIS B 9 -12.06 -8.16 -16.82
CA HIS B 9 -12.12 -9.61 -16.64
C HIS B 9 -12.17 -9.98 -15.17
N GLN B 10 -13.11 -10.90 -14.81
CA GLN B 10 -13.31 -11.43 -13.48
C GLN B 10 -12.95 -12.91 -13.43
N PRO B 11 -12.38 -13.38 -12.31
CA PRO B 11 -12.19 -14.81 -12.14
C PRO B 11 -13.54 -15.49 -11.90
N ALA B 12 -13.62 -16.76 -12.28
CA ALA B 12 -14.72 -17.64 -11.89
C ALA B 12 -14.17 -18.46 -10.73
N ILE B 13 -14.58 -18.11 -9.52
CA ILE B 13 -13.92 -18.60 -8.32
C ILE B 13 -14.39 -20.01 -7.99
N LEU B 14 -13.45 -20.89 -7.68
CA LEU B 14 -13.73 -22.30 -7.46
C LEU B 14 -14.19 -22.56 -6.03
N ASN B 15 -15.15 -23.49 -5.88
CA ASN B 15 -15.62 -23.86 -4.54
C ASN B 15 -14.68 -24.86 -3.87
N SER B 16 -15.04 -25.28 -2.64
CA SER B 16 -14.13 -26.10 -1.83
C SER B 16 -13.81 -27.42 -2.50
N SER B 17 -14.83 -28.11 -3.01
CA SER B 17 -14.60 -29.40 -3.65
C SER B 17 -13.71 -29.26 -4.87
N ALA B 18 -13.85 -28.15 -5.61
CA ALA B 18 -12.98 -27.93 -6.77
C ALA B 18 -11.55 -27.67 -6.32
N LEU B 19 -11.37 -26.88 -5.26
CA LEU B 19 -10.03 -26.65 -4.73
C LEU B 19 -9.38 -27.96 -4.30
N ARG B 20 -10.15 -28.85 -3.65
CA ARG B 20 -9.58 -30.13 -3.25
C ARG B 20 -9.16 -30.95 -4.46
N GLN B 21 -9.98 -30.92 -5.53
CA GLN B 21 -9.64 -31.64 -6.74
C GLN B 21 -8.33 -31.14 -7.33
N ILE B 22 -8.14 -29.82 -7.35
CA ILE B 22 -6.91 -29.27 -7.92
C ILE B 22 -5.71 -29.68 -7.06
N ALA B 23 -5.83 -29.52 -5.74
CA ALA B 23 -4.72 -29.83 -4.86
C ALA B 23 -4.29 -31.28 -5.00
N GLU B 24 -5.26 -32.17 -5.24
CA GLU B 24 -4.96 -33.58 -5.41
C GLU B 24 -4.57 -33.94 -6.84
N GLY B 25 -4.80 -33.05 -7.80
CA GLY B 25 -4.47 -33.32 -9.19
C GLY B 25 -3.04 -33.05 -9.58
N THR B 26 -2.26 -32.42 -8.72
CA THR B 26 -0.87 -32.11 -9.01
C THR B 26 0.03 -33.00 -8.16
N SER B 27 1.17 -33.41 -8.73
CA SER B 27 2.03 -34.41 -8.10
C SER B 27 3.44 -33.83 -8.04
N ILE B 28 3.86 -33.38 -6.86
CA ILE B 28 5.17 -32.77 -6.72
C ILE B 28 6.28 -33.78 -7.01
N SER B 29 6.06 -35.06 -6.68
CA SER B 29 7.10 -36.05 -6.93
C SER B 29 7.23 -36.36 -8.41
N GLU B 30 6.09 -36.35 -9.11
CA GLU B 30 6.07 -36.59 -10.54
C GLU B 30 6.82 -35.44 -11.22
N MET B 31 6.48 -34.22 -10.81
CA MET B 31 7.15 -33.04 -11.37
C MET B 31 8.66 -33.13 -11.14
N TRP B 32 9.05 -33.45 -9.91
CA TRP B 32 10.46 -33.52 -9.54
C TRP B 32 11.23 -34.45 -10.47
N GLN B 33 10.72 -35.67 -10.64
CA GLN B 33 11.45 -36.65 -11.43
C GLN B 33 11.35 -36.37 -12.91
N ASN B 34 10.15 -36.08 -13.41
CA ASN B 34 9.91 -36.04 -14.84
C ASN B 34 10.09 -34.66 -15.46
N ASP B 35 9.92 -33.59 -14.68
CA ASP B 35 10.04 -32.24 -15.22
C ASP B 35 11.23 -31.47 -14.70
N LEU B 36 11.53 -31.57 -13.41
CA LEU B 36 12.59 -30.77 -12.81
C LEU B 36 13.97 -31.36 -13.07
N GLN B 37 14.22 -32.58 -12.60
CA GLN B 37 15.58 -33.13 -12.67
C GLN B 37 16.23 -33.05 -14.05
N PRO B 38 15.55 -33.34 -15.17
CA PRO B 38 16.22 -33.21 -16.47
C PRO B 38 16.72 -31.81 -16.78
N LEU B 39 16.16 -30.80 -16.11
CA LEU B 39 16.57 -29.41 -16.32
C LEU B 39 17.72 -28.98 -15.43
N LEU B 40 18.01 -29.72 -14.36
CA LEU B 40 19.08 -29.36 -13.44
C LEU B 40 20.44 -29.64 -14.08
N ILE B 41 20.75 -28.91 -15.15
CA ILE B 41 22.00 -29.06 -15.89
C ILE B 41 22.44 -27.68 -16.34
N GLU B 42 23.73 -27.55 -16.61
CA GLU B 42 24.25 -26.33 -17.22
C GLU B 42 23.54 -26.08 -18.54
N ARG B 43 22.99 -24.88 -18.74
CA ARG B 43 22.18 -24.65 -19.94
C ARG B 43 22.23 -23.18 -20.38
N TYR B 44 23.42 -22.60 -20.39
CA TYR B 44 23.57 -21.27 -20.95
C TYR B 44 23.44 -21.35 -22.47
N PRO B 45 23.21 -20.22 -23.14
CA PRO B 45 22.91 -20.26 -24.59
C PRO B 45 23.99 -20.97 -25.41
N GLY B 46 23.54 -21.86 -26.29
CA GLY B 46 24.41 -22.62 -27.17
C GLY B 46 25.04 -23.86 -26.55
N SER B 47 25.07 -23.96 -25.22
CA SER B 47 25.54 -25.14 -24.54
C SER B 47 24.72 -26.38 -24.90
N PRO B 48 25.30 -27.57 -24.80
CA PRO B 48 24.50 -28.79 -24.99
C PRO B 48 23.27 -28.83 -24.11
N GLY B 49 23.37 -28.30 -22.89
CA GLY B 49 22.22 -28.29 -22.01
C GLY B 49 21.13 -27.34 -22.47
N SER B 50 21.52 -26.29 -23.21
CA SER B 50 20.53 -25.42 -23.84
C SER B 50 19.66 -26.21 -24.82
N TYR B 51 20.29 -27.01 -25.69
CA TYR B 51 19.55 -27.83 -26.64
C TYR B 51 18.72 -28.89 -25.91
N ALA B 52 19.27 -29.49 -24.86
CA ALA B 52 18.54 -30.56 -24.17
C ALA B 52 17.37 -30.01 -23.38
N ALA B 53 17.57 -28.87 -22.71
CA ALA B 53 16.48 -28.22 -22.00
C ALA B 53 15.36 -27.88 -22.96
N ARG B 54 15.70 -27.30 -24.12
CA ARG B 54 14.70 -27.00 -25.14
C ARG B 54 13.94 -28.26 -25.56
N GLN B 55 14.66 -29.32 -25.88
CA GLN B 55 14.01 -30.55 -26.33
C GLN B 55 13.16 -31.16 -25.22
N HIS B 56 13.63 -31.06 -23.97
CA HIS B 56 12.89 -31.59 -22.84
C HIS B 56 11.56 -30.86 -22.67
N ILE B 57 11.62 -29.53 -22.68
CA ILE B 57 10.41 -28.72 -22.51
C ILE B 57 9.41 -29.03 -23.61
N MET B 58 9.88 -29.08 -24.85
CA MET B 58 8.99 -29.35 -25.97
C MET B 58 8.38 -30.74 -25.90
N GLN B 59 9.19 -31.74 -25.57
CA GLN B 59 8.69 -33.11 -25.50
C GLN B 59 7.64 -33.25 -24.42
N ARG B 60 7.87 -32.64 -23.24
CA ARG B 60 6.88 -32.73 -22.17
C ARG B 60 5.57 -32.06 -22.56
N ILE B 61 5.63 -30.99 -23.36
CA ILE B 61 4.38 -30.35 -23.79
C ILE B 61 3.71 -31.20 -24.87
N GLN B 62 4.50 -31.80 -25.76
CA GLN B 62 3.91 -32.53 -26.88
C GLN B 62 3.18 -33.80 -26.46
N ARG B 63 3.50 -34.36 -25.30
CA ARG B 63 2.81 -35.58 -24.87
C ARG B 63 1.42 -35.31 -24.30
N LEU B 64 1.05 -34.06 -24.11
CA LEU B 64 -0.22 -33.75 -23.47
C LEU B 64 -1.35 -33.75 -24.49
N GLN B 65 -2.57 -33.99 -24.01
CA GLN B 65 -3.71 -34.08 -24.92
C GLN B 65 -4.16 -32.72 -25.43
N ALA B 66 -4.05 -31.67 -24.60
CA ALA B 66 -4.47 -30.34 -25.01
C ALA B 66 -3.73 -29.91 -26.27
N ASP B 67 -4.37 -29.04 -27.04
CA ASP B 67 -3.95 -28.71 -28.41
C ASP B 67 -2.84 -27.65 -28.43
N TRP B 68 -1.73 -27.94 -27.75
CA TRP B 68 -0.65 -26.95 -27.67
C TRP B 68 0.05 -26.77 -29.01
N VAL B 69 0.29 -25.51 -29.37
CA VAL B 69 1.04 -25.18 -30.58
C VAL B 69 2.42 -24.64 -30.18
N LEU B 70 3.46 -25.32 -30.60
CA LEU B 70 4.80 -24.97 -30.16
C LEU B 70 5.47 -24.09 -31.21
N GLU B 71 6.16 -23.07 -30.75
CA GLU B 71 6.90 -22.19 -31.64
C GLU B 71 8.26 -21.97 -31.03
N ILE B 72 9.30 -21.99 -31.86
CA ILE B 72 10.64 -21.65 -31.41
C ILE B 72 11.05 -20.37 -32.11
N ASP B 73 11.15 -19.30 -31.32
CA ASP B 73 11.56 -17.98 -31.78
C ASP B 73 13.07 -17.92 -31.61
N THR B 74 13.79 -18.28 -32.67
CA THR B 74 15.25 -18.33 -32.65
C THR B 74 15.84 -17.12 -33.38
N PHE B 75 16.86 -16.51 -32.79
CA PHE B 75 17.45 -15.32 -33.37
C PHE B 75 18.91 -15.23 -32.93
N LEU B 76 19.67 -14.38 -33.63
CA LEU B 76 21.05 -14.10 -33.28
C LEU B 76 21.16 -12.74 -32.62
N SER B 77 22.12 -12.60 -31.71
CA SER B 77 22.45 -11.28 -31.22
C SER B 77 23.91 -11.27 -30.78
N GLN B 78 24.56 -10.12 -30.92
CA GLN B 78 25.87 -9.90 -30.34
C GLN B 78 25.78 -9.98 -28.81
N THR B 79 26.85 -10.50 -28.18
CA THR B 79 27.01 -10.62 -26.72
C THR B 79 28.45 -10.25 -26.36
N PRO B 80 28.77 -10.09 -25.07
CA PRO B 80 30.19 -9.91 -24.69
C PRO B 80 31.11 -11.04 -25.14
N GLU B 81 30.56 -12.21 -25.46
CA GLU B 81 31.34 -13.36 -25.91
C GLU B 81 31.36 -13.48 -27.43
N GLY B 82 30.74 -12.56 -28.16
CA GLY B 82 30.54 -12.72 -29.58
C GLY B 82 29.13 -13.17 -29.90
N GLU B 83 28.86 -13.31 -31.19
CA GLU B 83 27.50 -13.59 -31.63
C GLU B 83 27.02 -14.94 -31.08
N ARG B 84 25.77 -14.97 -30.63
CA ARG B 84 25.20 -16.19 -30.08
C ARG B 84 23.79 -16.37 -30.60
N SER B 85 23.35 -17.63 -30.63
CA SER B 85 21.98 -17.97 -31.01
C SER B 85 21.16 -18.16 -29.74
N PHE B 86 19.94 -17.61 -29.76
CA PHE B 86 18.96 -17.70 -28.68
C PHE B 86 17.66 -18.26 -29.20
N SER B 87 16.97 -19.05 -28.37
CA SER B 87 15.71 -19.71 -28.78
C SER B 87 14.64 -19.61 -27.69
N ASN B 88 13.74 -18.64 -27.83
CA ASN B 88 12.56 -18.63 -26.96
C ASN B 88 11.63 -19.77 -27.34
N ILE B 89 11.03 -20.39 -26.34
CA ILE B 89 10.03 -21.45 -26.55
C ILE B 89 8.67 -20.84 -26.23
N ILE B 90 7.76 -20.85 -27.20
CA ILE B 90 6.39 -20.39 -26.99
C ILE B 90 5.44 -21.56 -27.22
N SER B 91 4.56 -21.78 -26.26
CA SER B 91 3.57 -22.85 -26.31
C SER B 91 2.19 -22.23 -26.10
N THR B 92 1.33 -22.32 -27.12
CA THR B 92 0.07 -21.59 -27.11
C THR B 92 -1.13 -22.51 -27.35
N LEU B 93 -2.16 -22.35 -26.52
CA LEU B 93 -3.48 -22.90 -26.81
C LEU B 93 -4.29 -21.84 -27.55
N ASN B 94 -4.96 -22.25 -28.64
CA ASN B 94 -5.83 -21.38 -29.42
C ASN B 94 -5.06 -20.16 -29.91
N PRO B 95 -4.04 -20.34 -30.75
CA PRO B 95 -3.20 -19.18 -31.13
C PRO B 95 -3.95 -18.03 -31.78
N THR B 96 -5.12 -18.27 -32.40
CA THR B 96 -5.83 -17.16 -33.03
C THR B 96 -6.81 -16.47 -32.09
N ALA B 97 -7.05 -17.02 -30.90
CA ALA B 97 -7.82 -16.32 -29.88
C ALA B 97 -7.22 -14.96 -29.61
N LYS B 98 -8.09 -13.95 -29.48
CA LYS B 98 -7.62 -12.57 -29.34
C LYS B 98 -6.82 -12.39 -28.06
N ARG B 99 -7.21 -13.08 -26.98
CA ARG B 99 -6.61 -12.86 -25.67
C ARG B 99 -5.95 -14.12 -25.13
N HIS B 100 -4.80 -13.94 -24.46
CA HIS B 100 -4.20 -15.02 -23.70
C HIS B 100 -3.71 -14.52 -22.35
N LEU B 101 -3.95 -15.34 -21.34
CA LEU B 101 -3.16 -15.28 -20.13
C LEU B 101 -1.81 -15.93 -20.42
N VAL B 102 -0.73 -15.27 -20.01
CA VAL B 102 0.62 -15.72 -20.33
C VAL B 102 1.35 -16.05 -19.04
N LEU B 103 1.85 -17.27 -18.94
CA LEU B 103 2.75 -17.69 -17.88
C LEU B 103 4.16 -17.77 -18.48
N ALA B 104 5.16 -17.35 -17.72
CA ALA B 104 6.50 -17.32 -18.30
C ALA B 104 7.59 -17.53 -17.26
N CYS B 105 8.71 -18.09 -17.71
CA CYS B 105 9.95 -18.09 -16.96
C CYS B 105 11.10 -18.03 -17.96
N HIS B 106 12.34 -18.04 -17.46
CA HIS B 106 13.50 -18.19 -18.31
C HIS B 106 14.10 -19.58 -18.12
N TYR B 107 14.52 -20.21 -19.22
CA TYR B 107 15.05 -21.57 -19.11
C TYR B 107 16.56 -21.66 -19.25
N ASP B 108 17.23 -20.56 -19.63
CA ASP B 108 18.69 -20.54 -19.62
C ASP B 108 19.23 -20.51 -18.19
N SER B 109 20.46 -21.02 -18.01
CA SER B 109 21.17 -20.81 -16.76
C SER B 109 22.27 -19.79 -16.97
N LYS B 110 22.55 -19.02 -15.92
CA LYS B 110 23.66 -18.08 -15.96
C LYS B 110 24.98 -18.84 -16.06
N TYR B 111 25.91 -18.29 -16.84
CA TYR B 111 27.20 -18.95 -17.03
C TYR B 111 28.15 -18.60 -15.88
N PHE B 112 28.77 -19.63 -15.31
CA PHE B 112 29.81 -19.48 -14.31
C PHE B 112 30.94 -20.47 -14.63
N SER B 113 32.18 -20.02 -14.46
CA SER B 113 33.31 -20.95 -14.51
C SER B 113 33.14 -22.04 -13.46
N HIS B 114 33.59 -23.24 -13.80
CA HIS B 114 33.45 -24.38 -12.88
C HIS B 114 34.39 -24.21 -11.69
N TRP B 115 33.82 -24.10 -10.49
CA TRP B 115 34.58 -24.04 -9.25
C TRP B 115 34.64 -25.43 -8.64
N ASN B 116 35.86 -25.87 -8.31
CA ASN B 116 36.12 -27.25 -7.87
C ASN B 116 35.64 -28.16 -8.98
N ASN B 117 34.69 -29.06 -8.74
CA ASN B 117 34.00 -29.79 -9.80
C ASN B 117 32.52 -29.49 -9.78
N ARG B 118 32.17 -28.24 -9.44
CA ARG B 118 30.79 -27.81 -9.26
C ARG B 118 30.38 -26.88 -10.41
N VAL B 119 29.18 -27.11 -10.94
CA VAL B 119 28.64 -26.29 -12.01
C VAL B 119 27.33 -25.66 -11.53
N PHE B 120 27.05 -24.46 -12.04
CA PHE B 120 25.81 -23.75 -11.71
C PHE B 120 24.65 -24.32 -12.51
N VAL B 121 23.63 -24.85 -11.82
CA VAL B 121 22.44 -25.36 -12.47
C VAL B 121 21.21 -24.51 -12.22
N GLY B 122 21.35 -23.41 -11.45
CA GLY B 122 20.23 -22.50 -11.23
C GLY B 122 18.92 -23.21 -10.91
N ALA B 123 18.89 -23.92 -9.78
CA ALA B 123 17.71 -24.72 -9.43
C ALA B 123 16.48 -23.84 -9.27
N THR B 124 16.58 -22.78 -8.48
CA THR B 124 15.49 -21.82 -8.37
C THR B 124 15.46 -20.84 -9.53
N ASP B 125 16.54 -20.76 -10.31
CA ASP B 125 16.82 -19.65 -11.20
C ASP B 125 17.15 -20.19 -12.61
N SER B 126 16.16 -20.69 -13.35
CA SER B 126 14.78 -20.88 -12.93
C SER B 126 14.27 -22.26 -13.35
N ALA B 127 15.03 -23.29 -13.00
CA ALA B 127 14.64 -24.64 -13.37
C ALA B 127 13.31 -25.03 -12.73
N VAL B 128 13.10 -24.62 -11.48
CA VAL B 128 11.85 -24.92 -10.77
C VAL B 128 10.70 -24.18 -11.43
N PRO B 129 10.78 -22.86 -11.70
CA PRO B 129 9.69 -22.23 -12.48
C PRO B 129 9.35 -22.97 -13.76
N CYS B 130 10.38 -23.40 -14.49
CA CYS B 130 10.19 -24.18 -15.71
C CYS B 130 9.36 -25.42 -15.41
N ALA B 131 9.76 -26.14 -14.35
CA ALA B 131 9.09 -27.37 -14.01
C ALA B 131 7.67 -27.12 -13.53
N MET B 132 7.44 -26.00 -12.83
CA MET B 132 6.11 -25.67 -12.36
C MET B 132 5.16 -25.42 -13.53
N MET B 133 5.65 -24.74 -14.56
CA MET B 133 4.82 -24.53 -15.74
C MET B 133 4.50 -25.85 -16.44
N LEU B 134 5.49 -26.73 -16.55
CA LEU B 134 5.23 -28.03 -17.19
C LEU B 134 4.28 -28.87 -16.34
N GLU B 135 4.41 -28.80 -15.03
CA GLU B 135 3.49 -29.54 -14.17
C GLU B 135 2.08 -28.96 -14.27
N LEU B 136 1.98 -27.63 -14.39
CA LEU B 136 0.67 -27.01 -14.56
C LEU B 136 -0.01 -27.51 -15.83
N ALA B 137 0.73 -27.52 -16.94
CA ALA B 137 0.19 -28.03 -18.20
C ALA B 137 -0.30 -29.46 -18.06
N ARG B 138 0.47 -30.31 -17.39
CA ARG B 138 0.09 -31.71 -17.23
C ARG B 138 -1.10 -31.85 -16.29
N ALA B 139 -1.03 -31.22 -15.12
CA ALA B 139 -2.07 -31.37 -14.11
C ALA B 139 -3.41 -30.86 -14.62
N LEU B 140 -3.41 -29.79 -15.42
CA LEU B 140 -4.64 -29.18 -15.91
C LEU B 140 -5.01 -29.65 -17.32
N ASP B 141 -4.34 -30.69 -17.82
CA ASP B 141 -4.47 -31.09 -19.22
C ASP B 141 -5.92 -31.32 -19.63
N LYS B 142 -6.68 -32.08 -18.84
CA LYS B 142 -8.06 -32.39 -19.19
C LYS B 142 -8.92 -31.13 -19.22
N LYS B 143 -8.73 -30.24 -18.23
CA LYS B 143 -9.48 -29.00 -18.20
C LYS B 143 -9.09 -28.11 -19.39
N LEU B 144 -7.79 -28.07 -19.72
CA LEU B 144 -7.37 -27.20 -20.82
C LEU B 144 -7.83 -27.71 -22.17
N LEU B 145 -8.00 -29.04 -22.30
CA LEU B 145 -8.50 -29.63 -23.53
C LEU B 145 -9.87 -29.08 -23.90
N SER B 146 -10.66 -28.67 -22.92
CA SER B 146 -11.97 -28.08 -23.21
C SER B 146 -11.86 -26.77 -23.97
N LEU B 147 -10.72 -26.08 -23.90
CA LEU B 147 -10.54 -24.86 -24.68
C LEU B 147 -10.56 -25.13 -26.19
N LYS B 148 -10.35 -26.38 -26.60
CA LYS B 148 -10.40 -26.74 -28.01
C LYS B 148 -11.80 -26.58 -28.59
N THR B 149 -12.82 -26.48 -27.75
CA THR B 149 -14.19 -26.40 -28.21
C THR B 149 -14.64 -24.95 -28.33
N VAL B 150 -15.34 -24.64 -29.41
CA VAL B 150 -15.76 -23.29 -29.74
C VAL B 150 -17.11 -23.01 -29.08
N SER B 151 -17.32 -21.73 -28.75
CA SER B 151 -18.53 -21.29 -28.07
C SER B 151 -18.70 -19.80 -28.35
N ASP B 152 -19.94 -19.38 -28.59
CA ASP B 152 -20.20 -17.95 -28.66
C ASP B 152 -20.00 -17.30 -27.29
N SER B 153 -20.17 -18.07 -26.23
CA SER B 153 -19.94 -17.62 -24.86
C SER B 153 -18.46 -17.37 -24.59
N PRO B 155 -15.55 -15.68 -23.20
CA PRO B 155 -14.58 -14.74 -23.77
C PRO B 155 -13.55 -15.42 -24.67
N ASP B 156 -13.06 -14.67 -25.66
CA ASP B 156 -12.12 -15.21 -26.62
C ASP B 156 -10.72 -15.22 -26.00
N LEU B 157 -10.55 -16.13 -25.03
CA LEU B 157 -9.44 -16.09 -24.09
C LEU B 157 -8.85 -17.48 -23.92
N SER B 158 -7.53 -17.60 -23.96
CA SER B 158 -6.92 -18.91 -23.77
C SER B 158 -5.57 -18.71 -23.06
N LEU B 159 -4.68 -19.70 -23.17
CA LEU B 159 -3.47 -19.78 -22.35
C LEU B 159 -2.22 -19.86 -23.20
N GLN B 160 -1.16 -19.20 -22.74
CA GLN B 160 0.12 -19.25 -23.44
C GLN B 160 1.23 -19.41 -22.41
N LEU B 161 2.20 -20.26 -22.71
CA LEU B 161 3.42 -20.41 -21.92
C LEU B 161 4.60 -19.86 -22.72
N ILE B 162 5.46 -19.12 -22.05
CA ILE B 162 6.69 -18.65 -22.67
C ILE B 162 7.86 -19.07 -21.81
N PHE B 163 8.84 -19.73 -22.43
CA PHE B 163 10.10 -20.06 -21.78
C PHE B 163 11.16 -19.21 -22.47
N PHE B 164 11.60 -18.14 -21.82
CA PHE B 164 12.57 -17.22 -22.39
C PHE B 164 13.98 -17.80 -22.34
N ASP B 165 14.72 -17.62 -23.43
CA ASP B 165 16.15 -17.85 -23.46
C ASP B 165 16.89 -16.55 -23.14
N GLY B 166 18.15 -16.69 -22.70
CA GLY B 166 19.05 -15.55 -22.57
C GLY B 166 18.60 -14.47 -21.60
N GLU B 167 17.87 -14.82 -20.54
CA GLU B 167 17.54 -13.83 -19.52
C GLU B 167 18.81 -13.29 -18.84
N GLU B 168 19.77 -14.16 -18.57
CA GLU B 168 20.90 -13.78 -17.72
C GLU B 168 21.99 -13.05 -18.51
N ALA B 169 22.65 -12.13 -17.82
CA ALA B 169 23.85 -11.51 -18.36
C ALA B 169 24.95 -12.55 -18.54
N PHE B 170 25.75 -12.35 -19.60
CA PHE B 170 26.95 -13.16 -19.81
C PHE B 170 28.09 -12.69 -18.93
N LEU B 171 28.20 -11.37 -18.73
CA LEU B 171 29.31 -10.76 -18.02
C LEU B 171 28.78 -9.98 -16.82
N HIS B 172 28.36 -8.74 -17.05
CA HIS B 172 27.76 -7.90 -16.01
C HIS B 172 26.43 -7.38 -16.52
N TRP B 173 25.41 -7.46 -15.66
CA TRP B 173 24.07 -7.01 -16.03
C TRP B 173 24.08 -5.58 -16.55
N SER B 174 23.52 -5.40 -17.72
CA SER B 174 23.44 -4.10 -18.39
C SER B 174 22.29 -4.15 -19.39
N PRO B 175 21.80 -3.00 -19.84
CA PRO B 175 20.75 -3.01 -20.87
C PRO B 175 21.11 -3.85 -22.08
N GLN B 176 22.40 -3.89 -22.44
CA GLN B 176 22.87 -4.64 -23.60
C GLN B 176 23.19 -6.08 -23.29
N ASP B 177 23.40 -6.41 -22.02
CA ASP B 177 23.81 -7.75 -21.64
C ASP B 177 22.84 -8.27 -20.61
N SER B 178 21.61 -8.53 -21.04
CA SER B 178 20.53 -9.03 -20.21
C SER B 178 19.34 -9.18 -21.12
N LEU B 179 18.41 -10.07 -20.75
CA LEU B 179 17.08 -10.15 -21.34
C LEU B 179 17.09 -10.28 -22.86
N TYR B 180 18.05 -11.06 -23.36
CA TYR B 180 18.18 -11.21 -24.80
C TYR B 180 16.89 -11.75 -25.40
N GLY B 181 16.39 -12.87 -24.86
CA GLY B 181 15.18 -13.46 -25.38
C GLY B 181 13.95 -12.59 -25.22
N SER B 182 13.76 -12.00 -24.03
CA SER B 182 12.55 -11.23 -23.79
C SER B 182 12.56 -9.92 -24.56
N ARG B 183 13.72 -9.27 -24.68
CA ARG B 183 13.71 -8.03 -25.46
C ARG B 183 13.38 -8.32 -26.92
N HIS B 184 13.90 -9.44 -27.44
CA HIS B 184 13.59 -9.82 -28.82
C HIS B 184 12.12 -10.12 -29.00
N LEU B 185 11.55 -10.93 -28.10
CA LEU B 185 10.19 -11.41 -28.30
C LEU B 185 9.17 -10.29 -28.10
N ALA B 186 9.38 -9.42 -27.11
CA ALA B 186 8.45 -8.31 -26.95
C ALA B 186 8.46 -7.38 -28.16
N ALA B 187 9.65 -7.14 -28.72
CA ALA B 187 9.71 -6.31 -29.92
C ALA B 187 9.00 -6.98 -31.10
N LYS B 188 9.19 -8.29 -31.26
CA LYS B 188 8.50 -9.03 -32.32
C LYS B 188 6.98 -8.97 -32.13
N MET B 189 6.51 -9.26 -30.92
CA MET B 189 5.07 -9.26 -30.67
C MET B 189 4.48 -7.87 -30.86
N ALA B 190 5.23 -6.83 -30.47
CA ALA B 190 4.73 -5.45 -30.60
C ALA B 190 4.45 -5.08 -32.04
N SER B 191 5.19 -5.66 -32.98
CA SER B 191 5.07 -5.32 -34.40
CA SER B 191 5.03 -5.29 -34.39
C SER B 191 4.25 -6.31 -35.20
N THR B 192 3.68 -7.32 -34.53
CA THR B 192 2.91 -8.36 -35.22
C THR B 192 1.43 -8.11 -35.04
N PRO B 193 0.65 -7.99 -36.12
CA PRO B 193 -0.80 -7.81 -35.97
C PRO B 193 -1.43 -8.96 -35.20
N HIS B 194 -2.43 -8.63 -34.38
CA HIS B 194 -3.21 -9.65 -33.69
C HIS B 194 -4.62 -9.11 -33.45
N PRO B 195 -5.68 -9.87 -33.78
CA PRO B 195 -5.62 -11.16 -34.48
C PRO B 195 -5.09 -10.95 -35.90
N PRO B 196 -4.69 -12.02 -36.59
CA PRO B 196 -4.19 -11.88 -37.95
C PRO B 196 -5.12 -11.03 -38.80
N GLY B 197 -4.53 -10.12 -39.59
CA GLY B 197 -5.28 -9.22 -40.43
C GLY B 197 -5.82 -7.99 -39.75
N ALA B 198 -5.65 -7.84 -38.43
CA ALA B 198 -6.24 -6.71 -37.72
C ALA B 198 -5.54 -5.40 -38.08
N ARG B 199 -6.21 -4.31 -37.72
CA ARG B 199 -5.68 -2.95 -37.88
C ARG B 199 -5.44 -2.32 -36.49
N GLY B 200 -4.21 -1.88 -36.22
CA GLY B 200 -3.83 -1.27 -34.96
C GLY B 200 -3.31 -2.26 -33.94
N THR B 201 -4.07 -3.29 -33.61
CA THR B 201 -3.76 -4.12 -32.46
C THR B 201 -2.62 -5.09 -32.75
N SER B 202 -1.73 -5.27 -31.77
CA SER B 202 -0.60 -6.19 -31.91
C SER B 202 -0.78 -7.39 -30.99
N GLN B 203 0.17 -8.33 -31.10
CA GLN B 203 0.13 -9.46 -30.16
C GLN B 203 0.28 -9.00 -28.71
N LEU B 204 0.90 -7.85 -28.47
CA LEU B 204 0.97 -7.35 -27.10
C LEU B 204 -0.39 -6.91 -26.58
N HIS B 205 -1.26 -6.39 -27.43
CA HIS B 205 -2.63 -6.10 -27.00
C HIS B 205 -3.34 -7.35 -26.54
N GLY B 206 -2.99 -8.51 -27.12
CA GLY B 206 -3.64 -9.75 -26.72
C GLY B 206 -3.19 -10.32 -25.40
N MET B 207 -2.09 -9.83 -24.83
CA MET B 207 -1.58 -10.34 -23.57
C MET B 207 -2.40 -9.72 -22.45
N ASP B 208 -3.35 -10.49 -21.93
CA ASP B 208 -4.18 -10.05 -20.80
C ASP B 208 -3.32 -9.69 -19.60
N LEU B 209 -2.35 -10.53 -19.31
CA LEU B 209 -1.57 -10.49 -18.08
C LEU B 209 -0.39 -11.40 -18.28
N LEU B 210 0.79 -10.91 -17.96
CA LEU B 210 2.01 -11.72 -17.98
C LEU B 210 2.33 -12.09 -16.54
N VAL B 211 2.28 -13.38 -16.25
CA VAL B 211 2.64 -13.91 -14.94
C VAL B 211 4.04 -14.50 -15.08
N LEU B 212 5.03 -13.80 -14.53
CA LEU B 212 6.43 -14.16 -14.69
C LEU B 212 6.94 -14.75 -13.39
N LEU B 213 7.29 -16.05 -13.43
CA LEU B 213 7.87 -16.76 -12.29
C LEU B 213 9.38 -16.71 -12.38
N ASP B 214 10.04 -16.33 -11.28
CA ASP B 214 11.49 -16.31 -11.26
C ASP B 214 11.98 -16.53 -9.82
N LEU B 215 13.06 -17.31 -9.67
CA LEU B 215 13.70 -17.49 -8.36
C LEU B 215 12.76 -18.14 -7.34
N ILE B 216 12.13 -19.22 -7.76
CA ILE B 216 11.15 -19.93 -6.93
C ILE B 216 11.72 -21.30 -6.58
N GLY B 217 11.60 -21.68 -5.30
CA GLY B 217 12.05 -23.00 -4.91
C GLY B 217 12.63 -23.03 -3.51
N ALA B 218 12.96 -21.84 -2.99
CA ALA B 218 13.55 -21.69 -1.66
C ALA B 218 12.48 -21.74 -0.58
N PRO B 219 12.85 -22.13 0.63
CA PRO B 219 11.88 -22.11 1.73
C PRO B 219 11.49 -20.69 2.13
N ASN B 220 10.28 -20.56 2.66
CA ASN B 220 9.75 -19.28 3.14
C ASN B 220 9.95 -18.10 2.18
N PRO B 221 9.57 -18.24 0.91
CA PRO B 221 9.63 -17.07 0.02
C PRO B 221 8.61 -16.03 0.46
N THR B 222 8.91 -14.78 0.17
CA THR B 222 7.98 -13.68 0.40
C THR B 222 7.87 -12.87 -0.89
N PHE B 223 6.69 -12.89 -1.51
CA PHE B 223 6.47 -12.19 -2.76
C PHE B 223 5.80 -10.85 -2.48
N PRO B 224 6.43 -9.73 -2.85
CA PRO B 224 5.76 -8.43 -2.76
C PRO B 224 4.77 -8.22 -3.89
N ASN B 225 3.81 -7.33 -3.64
CA ASN B 225 2.82 -6.92 -4.65
C ASN B 225 3.36 -5.70 -5.39
N PHE B 226 3.94 -5.95 -6.57
CA PHE B 226 4.77 -4.93 -7.21
C PHE B 226 3.97 -3.82 -7.91
N PHE B 227 2.84 -4.14 -8.56
CA PHE B 227 2.26 -3.19 -9.52
C PHE B 227 0.79 -2.92 -9.27
N PRO B 228 0.38 -1.65 -9.19
CA PRO B 228 -1.05 -1.34 -9.00
C PRO B 228 -1.97 -1.96 -10.03
N ASN B 229 -1.58 -1.97 -11.31
CA ASN B 229 -2.49 -2.48 -12.34
C ASN B 229 -2.55 -4.00 -12.41
N SER B 230 -1.84 -4.73 -11.54
CA SER B 230 -2.06 -6.15 -11.37
C SER B 230 -2.38 -6.51 -9.91
N ALA B 231 -2.52 -5.51 -9.03
CA ALA B 231 -2.69 -5.80 -7.62
C ALA B 231 -3.94 -6.62 -7.33
N ARG B 232 -5.03 -6.41 -8.09
CA ARG B 232 -6.23 -7.20 -7.83
C ARG B 232 -6.01 -8.68 -8.15
N TRP B 233 -5.18 -8.98 -9.14
CA TRP B 233 -4.81 -10.36 -9.42
C TRP B 233 -3.82 -10.89 -8.39
N PHE B 234 -2.90 -10.05 -7.92
CA PHE B 234 -2.08 -10.46 -6.79
C PHE B 234 -2.93 -10.79 -5.57
N GLU B 235 -4.00 -10.00 -5.34
CA GLU B 235 -4.83 -10.29 -4.19
C GLU B 235 -5.57 -11.62 -4.34
N ARG B 236 -5.86 -12.03 -5.58
CA ARG B 236 -6.44 -13.37 -5.77
C ARG B 236 -5.46 -14.45 -5.32
N LEU B 237 -4.15 -14.29 -5.62
CA LEU B 237 -3.18 -15.26 -5.13
C LEU B 237 -3.20 -15.35 -3.61
N GLN B 238 -3.31 -14.20 -2.93
CA GLN B 238 -3.37 -14.21 -1.47
C GLN B 238 -4.61 -14.94 -0.98
N ALA B 239 -5.76 -14.66 -1.59
CA ALA B 239 -7.01 -15.32 -1.21
C ALA B 239 -6.96 -16.81 -1.47
N ILE B 240 -6.35 -17.22 -2.59
CA ILE B 240 -6.24 -18.65 -2.89
C ILE B 240 -5.34 -19.33 -1.86
N GLU B 241 -4.19 -18.70 -1.57
CA GLU B 241 -3.29 -19.24 -0.55
C GLU B 241 -4.02 -19.41 0.77
N HIS B 242 -4.76 -18.38 1.19
CA HIS B 242 -5.44 -18.42 2.46
C HIS B 242 -6.53 -19.49 2.47
N GLU B 243 -7.29 -19.58 1.39
CA GLU B 243 -8.34 -20.60 1.31
C GLU B 243 -7.76 -22.01 1.27
N LEU B 244 -6.70 -22.23 0.47
CA LEU B 244 -6.08 -23.54 0.45
C LEU B 244 -5.54 -23.92 1.82
N HIS B 245 -4.97 -22.94 2.54
CA HIS B 245 -4.45 -23.20 3.88
C HIS B 245 -5.58 -23.61 4.82
N GLU B 246 -6.66 -22.82 4.86
CA GLU B 246 -7.79 -23.11 5.73
C GLU B 246 -8.37 -24.48 5.47
N LEU B 247 -8.39 -24.92 4.20
CA LEU B 247 -8.95 -26.20 3.85
C LEU B 247 -8.01 -27.38 4.15
N GLY B 248 -6.83 -27.11 4.70
CA GLY B 248 -5.88 -28.18 4.98
C GLY B 248 -5.21 -28.76 3.75
N LEU B 249 -5.17 -28.02 2.65
CA LEU B 249 -4.60 -28.49 1.39
C LEU B 249 -3.17 -28.04 1.16
N LEU B 250 -2.56 -27.32 2.10
CA LEU B 250 -1.16 -26.94 1.98
C LEU B 250 -0.34 -27.68 3.02
N LYS B 251 0.94 -27.89 2.71
CA LYS B 251 1.82 -28.69 3.56
C LYS B 251 2.93 -27.83 4.15
N ASP B 252 3.16 -27.97 5.46
CA ASP B 252 4.18 -27.21 6.17
C ASP B 252 4.00 -25.71 5.96
N HIS B 253 2.75 -25.25 6.10
CA HIS B 253 2.37 -23.88 5.77
C HIS B 253 1.70 -23.24 6.97
N SER B 254 2.15 -22.03 7.32
CA SER B 254 1.56 -21.27 8.40
C SER B 254 1.07 -19.92 7.88
N LEU B 255 0.07 -19.37 8.55
CA LEU B 255 -0.49 -18.08 8.14
C LEU B 255 0.52 -16.96 8.30
N GLU B 256 1.28 -16.95 9.40
CA GLU B 256 2.31 -15.94 9.56
C GLU B 256 3.52 -16.19 8.68
N GLY B 257 3.67 -17.38 8.13
CA GLY B 257 4.71 -17.64 7.15
C GLY B 257 4.16 -17.74 5.74
N ARG B 258 3.15 -16.94 5.42
CA ARG B 258 2.52 -17.00 4.11
C ARG B 258 3.42 -16.37 3.04
N TYR B 259 3.17 -16.72 1.78
CA TYR B 259 4.05 -16.33 0.68
C TYR B 259 3.71 -14.97 0.08
N PHE B 260 2.43 -14.67 -0.12
CA PHE B 260 2.04 -13.48 -0.86
C PHE B 260 1.67 -12.37 0.11
N GLN B 261 2.44 -11.28 0.08
CA GLN B 261 2.47 -10.26 1.12
C GLN B 261 1.59 -9.07 0.79
N ASN B 262 1.17 -8.36 1.84
CA ASN B 262 0.36 -7.15 1.60
C ASN B 262 1.21 -6.04 0.99
N TYR B 263 2.49 -6.00 1.28
CA TYR B 263 3.28 -4.82 0.99
C TYR B 263 3.87 -4.87 -0.41
N SER B 264 4.40 -3.73 -0.83
CA SER B 264 4.98 -3.58 -2.15
CA SER B 264 4.98 -3.58 -2.15
C SER B 264 6.50 -3.56 -2.04
N TYR B 265 7.16 -3.02 -3.06
CA TYR B 265 8.61 -3.07 -3.12
C TYR B 265 9.15 -1.70 -3.51
N GLY B 266 10.26 -1.32 -2.88
CA GLY B 266 10.80 0.02 -2.95
C GLY B 266 11.78 0.31 -4.06
N GLY B 267 11.96 -0.61 -5.00
CA GLY B 267 12.80 -0.38 -6.16
C GLY B 267 12.14 -0.87 -7.43
N VAL B 268 12.95 -1.27 -8.41
CA VAL B 268 12.46 -1.80 -9.68
C VAL B 268 13.33 -3.00 -10.03
N ILE B 269 12.75 -4.19 -10.05
CA ILE B 269 13.52 -5.40 -10.35
C ILE B 269 13.55 -5.61 -11.87
N GLN B 270 14.76 -5.68 -12.41
CA GLN B 270 14.94 -5.95 -13.82
C GLN B 270 14.80 -7.45 -14.07
N ASP B 271 14.00 -7.80 -15.06
CA ASP B 271 13.70 -9.19 -15.39
C ASP B 271 12.98 -9.21 -16.74
N ASP B 272 12.62 -10.42 -17.18
CA ASP B 272 12.05 -10.65 -18.50
C ASP B 272 10.77 -9.86 -18.75
N HIS B 273 10.12 -9.35 -17.71
CA HIS B 273 8.88 -8.61 -17.90
C HIS B 273 9.10 -7.18 -18.37
N ILE B 274 10.30 -6.63 -18.14
CA ILE B 274 10.57 -5.23 -18.46
C ILE B 274 10.20 -4.86 -19.89
N PRO B 275 10.66 -5.57 -20.92
CA PRO B 275 10.29 -5.17 -22.29
C PRO B 275 8.78 -5.21 -22.53
N PHE B 276 8.05 -6.04 -21.78
CA PHE B 276 6.60 -6.06 -21.91
C PHE B 276 5.95 -4.95 -21.07
N LEU B 277 6.42 -4.77 -19.84
CA LEU B 277 5.86 -3.72 -18.99
C LEU B 277 6.02 -2.33 -19.63
N ARG B 278 7.19 -2.06 -20.21
CA ARG B 278 7.39 -0.72 -20.76
C ARG B 278 6.53 -0.46 -21.98
N ARG B 279 5.94 -1.49 -22.58
CA ARG B 279 5.03 -1.29 -23.70
C ARG B 279 3.57 -1.42 -23.27
N GLY B 280 3.29 -1.47 -21.96
CA GLY B 280 1.94 -1.43 -21.45
C GLY B 280 1.31 -2.75 -21.04
N VAL B 281 2.01 -3.88 -21.15
CA VAL B 281 1.42 -5.17 -20.76
C VAL B 281 1.31 -5.23 -19.23
N PRO B 282 0.15 -5.59 -18.68
CA PRO B 282 0.06 -5.81 -17.23
C PRO B 282 0.88 -7.02 -16.82
N VAL B 283 1.54 -6.92 -15.66
CA VAL B 283 2.52 -7.91 -15.23
C VAL B 283 2.23 -8.30 -13.80
N LEU B 284 2.23 -9.59 -13.54
CA LEU B 284 2.24 -10.13 -12.18
C LEU B 284 3.60 -10.81 -12.03
N HIS B 285 4.51 -10.14 -11.32
CA HIS B 285 5.91 -10.58 -11.24
C HIS B 285 6.11 -11.42 -9.99
N LEU B 286 6.08 -12.75 -10.17
CA LEU B 286 6.19 -13.67 -9.04
C LEU B 286 7.67 -14.00 -8.84
N ILE B 287 8.37 -13.01 -8.32
CA ILE B 287 9.75 -13.12 -7.89
C ILE B 287 9.78 -12.70 -6.43
N PRO B 288 10.44 -13.45 -5.55
CA PRO B 288 10.42 -13.09 -4.12
C PRO B 288 11.42 -11.97 -3.83
N SER B 289 11.17 -11.30 -2.70
CA SER B 289 12.07 -10.30 -2.14
C SER B 289 12.11 -10.53 -0.63
N PRO B 290 13.26 -10.93 -0.07
CA PRO B 290 14.54 -11.05 -0.76
C PRO B 290 14.63 -12.24 -1.71
N PHE B 291 15.61 -12.19 -2.61
CA PHE B 291 15.96 -13.35 -3.41
C PHE B 291 16.31 -14.54 -2.51
N PRO B 292 16.26 -15.76 -3.04
CA PRO B 292 16.79 -16.90 -2.29
C PRO B 292 18.20 -16.64 -1.76
N GLU B 293 18.49 -17.22 -0.59
CA GLU B 293 19.82 -17.09 0.00
C GLU B 293 20.92 -17.63 -0.92
N VAL B 294 20.61 -18.68 -1.69
CA VAL B 294 21.58 -19.31 -2.58
C VAL B 294 21.75 -18.59 -3.91
N TRP B 295 21.13 -17.43 -4.09
CA TRP B 295 21.06 -16.80 -5.42
C TRP B 295 22.44 -16.55 -6.00
N HIS B 296 22.61 -16.98 -7.26
CA HIS B 296 23.87 -16.86 -8.03
C HIS B 296 25.08 -17.41 -7.29
N THR B 297 24.86 -18.49 -6.55
CA THR B 297 25.93 -19.31 -5.99
C THR B 297 25.74 -20.76 -6.43
N MET B 298 26.81 -21.54 -6.29
CA MET B 298 26.74 -22.97 -6.60
C MET B 298 25.75 -23.72 -5.70
N ASP B 299 25.36 -23.14 -4.57
CA ASP B 299 24.38 -23.79 -3.69
C ASP B 299 22.94 -23.63 -4.17
N ASP B 300 22.69 -22.96 -5.31
CA ASP B 300 21.36 -22.93 -5.91
C ASP B 300 21.13 -24.23 -6.67
N ASN B 301 20.94 -25.29 -5.89
CA ASN B 301 20.95 -26.66 -6.38
C ASN B 301 19.70 -27.37 -5.84
N GLU B 302 19.57 -28.64 -6.23
CA GLU B 302 18.42 -29.43 -5.82
C GLU B 302 18.32 -29.57 -4.30
N GLU B 303 19.45 -29.79 -3.64
CA GLU B 303 19.42 -30.06 -2.20
C GLU B 303 18.83 -28.90 -1.42
N ASN B 304 18.97 -27.67 -1.94
CA ASN B 304 18.52 -26.50 -1.21
C ASN B 304 17.09 -26.07 -1.58
N LEU B 305 16.43 -26.81 -2.47
CA LEU B 305 15.02 -26.60 -2.78
C LEU B 305 14.15 -27.17 -1.68
N ASP B 306 12.94 -26.61 -1.54
CA ASP B 306 11.97 -27.07 -0.55
CA ASP B 306 11.96 -27.05 -0.54
C ASP B 306 10.77 -27.63 -1.28
N GLU B 307 10.63 -28.96 -1.27
N GLU B 307 10.65 -28.97 -1.27
CA GLU B 307 9.57 -29.59 -2.06
CA GLU B 307 9.60 -29.64 -2.01
C GLU B 307 8.19 -29.12 -1.62
C GLU B 307 8.21 -29.14 -1.62
N SER B 308 7.96 -28.97 -0.32
CA SER B 308 6.63 -28.59 0.14
C SER B 308 6.26 -27.19 -0.35
N THR B 309 7.19 -26.25 -0.25
CA THR B 309 6.94 -24.91 -0.75
C THR B 309 6.54 -24.93 -2.22
N ILE B 310 7.26 -25.69 -3.04
CA ILE B 310 6.98 -25.72 -4.47
C ILE B 310 5.63 -26.38 -4.73
N ASP B 311 5.33 -27.45 -3.98
CA ASP B 311 4.04 -28.12 -4.11
C ASP B 311 2.89 -27.17 -3.78
N ASN B 312 3.01 -26.42 -2.68
CA ASN B 312 2.00 -25.44 -2.32
C ASN B 312 1.81 -24.41 -3.42
N LEU B 313 2.92 -23.87 -3.92
CA LEU B 313 2.85 -22.85 -4.95
C LEU B 313 2.24 -23.41 -6.24
N ASN B 314 2.58 -24.65 -6.60
CA ASN B 314 1.92 -25.32 -7.72
C ASN B 314 0.39 -25.28 -7.56
N LYS B 315 -0.09 -25.61 -6.36
CA LYS B 315 -1.53 -25.65 -6.14
C LYS B 315 -2.13 -24.25 -6.30
N ILE B 316 -1.50 -23.25 -5.69
CA ILE B 316 -1.97 -21.88 -5.76
C ILE B 316 -2.02 -21.38 -7.20
N LEU B 317 -0.96 -21.64 -7.96
CA LEU B 317 -0.89 -21.16 -9.34
C LEU B 317 -1.92 -21.86 -10.22
N GLN B 318 -2.08 -23.17 -10.05
CA GLN B 318 -3.05 -23.90 -10.87
C GLN B 318 -4.47 -23.41 -10.60
N VAL B 319 -4.81 -23.15 -9.33
CA VAL B 319 -6.11 -22.56 -9.01
C VAL B 319 -6.26 -21.21 -9.70
N PHE B 320 -5.25 -20.35 -9.59
CA PHE B 320 -5.29 -19.02 -10.21
C PHE B 320 -5.62 -19.13 -11.69
N VAL B 321 -4.93 -20.05 -12.37
CA VAL B 321 -5.06 -20.15 -13.83
C VAL B 321 -6.44 -20.67 -14.20
N LEU B 322 -6.94 -21.70 -13.49
CA LEU B 322 -8.27 -22.17 -13.79
C LEU B 322 -9.32 -21.10 -13.53
N GLU B 323 -9.16 -20.34 -12.44
CA GLU B 323 -10.12 -19.29 -12.14
C GLU B 323 -10.06 -18.18 -13.18
N TYR B 324 -8.86 -17.81 -13.62
CA TYR B 324 -8.74 -16.81 -14.67
C TYR B 324 -9.43 -17.26 -15.96
N LEU B 325 -9.24 -18.52 -16.35
CA LEU B 325 -9.72 -19.01 -17.63
C LEU B 325 -11.15 -19.53 -17.55
N HIS B 326 -11.80 -19.45 -16.39
CA HIS B 326 -13.15 -19.95 -16.17
C HIS B 326 -13.25 -21.45 -16.48
N LEU B 327 -12.29 -22.20 -15.96
CA LEU B 327 -12.25 -23.65 -16.17
C LEU B 327 -12.44 -24.42 -14.88
N ALA C 1 -5.34 27.41 15.02
CA ALA C 1 -5.23 26.00 15.35
C ALA C 1 -6.38 25.17 14.78
N TRP C 2 -7.55 25.79 14.65
CA TRP C 2 -8.70 25.05 14.11
C TRP C 2 -8.47 24.48 12.71
N PRO C 3 -7.67 25.08 11.81
CA PRO C 3 -7.43 24.40 10.52
C PRO C 3 -6.76 23.04 10.65
N GLU C 4 -6.20 22.70 11.81
CA GLU C 4 -5.61 21.40 12.11
C GLU C 4 -6.62 20.39 12.65
N GLU C 5 -7.82 20.84 13.01
CA GLU C 5 -8.80 19.93 13.63
C GLU C 5 -9.10 18.74 12.72
N LYS C 6 -9.15 18.96 11.41
CA LYS C 6 -9.47 17.85 10.49
C LYS C 6 -8.47 16.71 10.62
N ASN C 7 -7.20 17.01 10.97
CA ASN C 7 -6.18 15.98 11.12
C ASN C 7 -6.44 15.06 12.31
N TYR C 8 -7.19 15.50 13.30
CA TYR C 8 -7.49 14.69 14.47
C TYR C 8 -8.94 14.23 14.52
N HIS C 9 -9.76 14.59 13.53
CA HIS C 9 -11.17 14.30 13.58
C HIS C 9 -11.43 12.80 13.51
N GLN C 10 -12.32 12.28 14.41
CA GLN C 10 -12.69 10.88 14.39
C GLN C 10 -14.15 10.72 13.99
N PRO C 11 -14.52 9.60 13.38
CA PRO C 11 -15.94 9.33 13.17
C PRO C 11 -16.58 8.89 14.46
N ALA C 12 -17.88 9.14 14.55
CA ALA C 12 -18.75 8.55 15.57
C ALA C 12 -19.42 7.34 14.92
N ILE C 13 -18.87 6.15 15.18
CA ILE C 13 -19.25 4.96 14.44
C ILE C 13 -20.63 4.48 14.86
N LEU C 14 -21.45 4.11 13.88
CA LEU C 14 -22.83 3.70 14.12
C LEU C 14 -22.92 2.22 14.43
N ASN C 15 -23.81 1.85 15.36
CA ASN C 15 -24.04 0.46 15.70
C ASN C 15 -24.99 -0.19 14.68
N SER C 16 -25.21 -1.50 14.84
CA SER C 16 -25.96 -2.27 13.86
C SER C 16 -27.38 -1.76 13.70
N SER C 17 -28.03 -1.38 14.81
CA SER C 17 -29.38 -0.85 14.75
C SER C 17 -29.43 0.43 13.91
N ALA C 18 -28.46 1.32 14.13
CA ALA C 18 -28.40 2.55 13.36
C ALA C 18 -28.11 2.29 11.89
N LEU C 19 -27.24 1.32 11.61
CA LEU C 19 -26.94 0.98 10.22
C LEU C 19 -28.18 0.47 9.49
N ARG C 20 -28.99 -0.36 10.15
CA ARG C 20 -30.20 -0.83 9.51
C ARG C 20 -31.18 0.31 9.28
N GLN C 21 -31.27 1.24 10.23
CA GLN C 21 -32.07 2.44 10.09
C GLN C 21 -31.69 3.22 8.84
N ILE C 22 -30.39 3.42 8.63
CA ILE C 22 -29.93 4.16 7.46
C ILE C 22 -30.16 3.37 6.18
N ALA C 23 -29.85 2.08 6.19
CA ALA C 23 -30.09 1.26 5.00
C ALA C 23 -31.55 1.29 4.58
N GLU C 24 -32.47 1.39 5.54
CA GLU C 24 -33.89 1.39 5.20
C GLU C 24 -34.41 2.77 4.85
N GLY C 25 -33.66 3.82 5.19
CA GLY C 25 -34.13 5.19 5.05
C GLY C 25 -33.86 5.84 3.72
N THR C 26 -33.23 5.13 2.79
CA THR C 26 -32.92 5.63 1.46
C THR C 26 -33.66 4.78 0.43
N SER C 27 -34.11 5.41 -0.65
CA SER C 27 -34.97 4.74 -1.61
C SER C 27 -34.37 4.89 -3.00
N ILE C 28 -33.84 3.79 -3.55
CA ILE C 28 -33.24 3.88 -4.89
C ILE C 28 -34.30 4.21 -5.93
N SER C 29 -35.51 3.68 -5.77
CA SER C 29 -36.56 3.95 -6.75
C SER C 29 -37.01 5.40 -6.70
N GLU C 30 -37.13 5.97 -5.50
CA GLU C 30 -37.45 7.39 -5.40
C GLU C 30 -36.32 8.24 -5.99
N MET C 31 -35.07 7.87 -5.74
CA MET C 31 -33.97 8.60 -6.35
C MET C 31 -34.05 8.51 -7.87
N TRP C 32 -34.22 7.29 -8.39
CA TRP C 32 -34.28 7.09 -9.83
C TRP C 32 -35.26 8.04 -10.49
N GLN C 33 -36.48 8.09 -9.98
CA GLN C 33 -37.55 8.85 -10.63
C GLN C 33 -37.42 10.34 -10.37
N ASN C 34 -37.17 10.73 -9.12
CA ASN C 34 -37.29 12.12 -8.71
C ASN C 34 -35.98 12.89 -8.80
N ASP C 35 -34.84 12.21 -8.75
CA ASP C 35 -33.55 12.87 -8.81
C ASP C 35 -32.76 12.55 -10.07
N LEU C 36 -32.76 11.29 -10.49
CA LEU C 36 -31.89 10.87 -11.59
C LEU C 36 -32.51 11.15 -12.95
N GLN C 37 -33.72 10.65 -13.20
CA GLN C 37 -34.26 10.77 -14.55
C GLN C 37 -34.33 12.20 -15.08
N PRO C 38 -34.72 13.22 -14.30
CA PRO C 38 -34.70 14.58 -14.88
C PRO C 38 -33.33 15.04 -15.33
N LEU C 39 -32.25 14.45 -14.79
CA LEU C 39 -30.90 14.85 -15.15
C LEU C 39 -30.40 14.15 -16.42
N LEU C 40 -31.06 13.06 -16.84
CA LEU C 40 -30.61 12.30 -18.00
C LEU C 40 -30.95 13.03 -19.29
N ILE C 41 -30.28 14.17 -19.50
CA ILE C 41 -30.53 15.05 -20.63
C ILE C 41 -29.17 15.61 -21.04
N GLU C 42 -29.08 16.05 -22.29
CA GLU C 42 -27.93 16.83 -22.71
C GLU C 42 -27.83 18.09 -21.86
N ARG C 43 -26.66 18.33 -21.25
CA ARG C 43 -26.54 19.45 -20.33
C ARG C 43 -25.14 20.04 -20.33
N TYR C 44 -24.57 20.22 -21.51
CA TYR C 44 -23.31 20.93 -21.60
C TYR C 44 -23.52 22.42 -21.33
N PRO C 45 -22.44 23.17 -21.08
CA PRO C 45 -22.60 24.57 -20.64
C PRO C 45 -23.38 25.41 -21.65
N GLY C 46 -24.36 26.15 -21.12
CA GLY C 46 -25.18 27.05 -21.91
C GLY C 46 -26.38 26.40 -22.56
N SER C 47 -26.41 25.07 -22.67
CA SER C 47 -27.51 24.35 -23.26
C SER C 47 -28.78 24.52 -22.43
N PRO C 48 -29.96 24.32 -23.03
CA PRO C 48 -31.18 24.31 -22.22
C PRO C 48 -31.09 23.34 -21.06
N GLY C 49 -30.45 22.19 -21.29
CA GLY C 49 -30.37 21.18 -20.24
C GLY C 49 -29.48 21.58 -19.09
N SER C 50 -28.49 22.44 -19.36
CA SER C 50 -27.67 22.98 -18.28
C SER C 50 -28.51 23.85 -17.35
N TYR C 51 -29.35 24.73 -17.92
CA TYR C 51 -30.27 25.50 -17.09
C TYR C 51 -31.27 24.59 -16.37
N ALA C 52 -31.79 23.58 -17.07
CA ALA C 52 -32.78 22.71 -16.45
C ALA C 52 -32.16 21.87 -15.33
N ALA C 53 -30.93 21.38 -15.54
CA ALA C 53 -30.26 20.60 -14.51
C ALA C 53 -30.02 21.45 -13.29
N ARG C 54 -29.58 22.70 -13.50
CA ARG C 54 -29.39 23.64 -12.41
C ARG C 54 -30.68 23.86 -11.63
N GLN C 55 -31.77 24.14 -12.36
CA GLN C 55 -33.06 24.34 -11.70
C GLN C 55 -33.48 23.11 -10.92
N HIS C 56 -33.29 21.94 -11.52
CA HIS C 56 -33.72 20.70 -10.88
C HIS C 56 -32.97 20.45 -9.57
N ILE C 57 -31.66 20.69 -9.58
CA ILE C 57 -30.86 20.45 -8.38
C ILE C 57 -31.26 21.43 -7.26
N MET C 58 -31.39 22.70 -7.60
CA MET C 58 -31.76 23.69 -6.59
C MET C 58 -33.16 23.42 -6.03
N GLN C 59 -34.10 23.05 -6.90
CA GLN C 59 -35.47 22.77 -6.43
C GLN C 59 -35.48 21.57 -5.46
N ARG C 60 -34.78 20.50 -5.82
CA ARG C 60 -34.77 19.32 -4.97
C ARG C 60 -34.15 19.62 -3.61
N ILE C 61 -33.19 20.54 -3.55
CA ILE C 61 -32.62 20.91 -2.28
C ILE C 61 -33.55 21.84 -1.52
N GLN C 62 -34.17 22.78 -2.25
CA GLN C 62 -35.00 23.78 -1.58
C GLN C 62 -36.19 23.15 -0.88
N ARG C 63 -36.66 22.00 -1.36
CA ARG C 63 -37.84 21.39 -0.74
C ARG C 63 -37.54 20.71 0.58
N LEU C 64 -36.27 20.57 0.97
CA LEU C 64 -35.95 19.81 2.17
C LEU C 64 -36.05 20.70 3.41
N GLN C 65 -36.20 20.06 4.59
CA GLN C 65 -36.38 20.82 5.82
C GLN C 65 -35.10 21.46 6.32
N ALA C 66 -33.95 20.82 6.10
CA ALA C 66 -32.70 21.35 6.62
C ALA C 66 -32.36 22.68 5.97
N ASP C 67 -31.56 23.48 6.68
CA ASP C 67 -31.38 24.90 6.40
C ASP C 67 -30.33 25.14 5.31
N TRP C 68 -30.54 24.53 4.14
CA TRP C 68 -29.55 24.62 3.08
C TRP C 68 -29.48 26.03 2.50
N VAL C 69 -28.26 26.55 2.35
CA VAL C 69 -28.04 27.87 1.77
C VAL C 69 -27.46 27.67 0.38
N LEU C 70 -28.19 28.12 -0.64
CA LEU C 70 -27.84 27.88 -2.03
C LEU C 70 -27.11 29.08 -2.60
N GLU C 71 -26.03 28.80 -3.32
CA GLU C 71 -25.27 29.83 -3.99
CA GLU C 71 -25.19 29.79 -3.96
C GLU C 71 -24.95 29.35 -5.39
N ILE C 72 -25.02 30.28 -6.35
CA ILE C 72 -24.64 29.94 -7.69
C ILE C 72 -23.45 30.81 -8.06
N ASP C 73 -22.31 30.15 -8.27
CA ASP C 73 -21.04 30.78 -8.62
C ASP C 73 -21.00 30.82 -10.15
N THR C 74 -21.46 31.94 -10.71
CA THR C 74 -21.54 32.09 -12.16
C THR C 74 -20.38 32.94 -12.68
N PHE C 75 -19.75 32.51 -13.76
CA PHE C 75 -18.60 33.24 -14.28
C PHE C 75 -18.47 32.94 -15.76
N LEU C 76 -17.66 33.76 -16.44
CA LEU C 76 -17.38 33.60 -17.86
C LEU C 76 -15.95 33.11 -18.06
N SER C 77 -15.75 32.34 -19.12
CA SER C 77 -14.37 32.01 -19.48
C SER C 77 -14.32 31.67 -20.96
N GLN C 78 -13.20 32.07 -21.59
CA GLN C 78 -12.85 31.62 -22.93
C GLN C 78 -12.83 30.10 -22.97
N THR C 79 -13.27 29.51 -24.12
CA THR C 79 -13.21 28.06 -24.39
C THR C 79 -12.70 27.83 -25.82
N PRO C 80 -12.22 26.60 -26.16
CA PRO C 80 -11.86 26.32 -27.55
C PRO C 80 -13.02 26.60 -28.42
N GLU C 81 -14.22 26.43 -27.89
CA GLU C 81 -15.40 26.79 -28.64
C GLU C 81 -15.67 28.28 -28.35
N GLY C 82 -14.71 28.98 -27.77
CA GLY C 82 -14.91 30.41 -27.45
C GLY C 82 -15.71 30.86 -26.15
N GLU C 83 -16.02 32.12 -25.90
CA GLU C 83 -16.67 32.52 -24.65
C GLU C 83 -17.90 31.72 -24.16
N ARG C 84 -17.94 31.36 -22.87
CA ARG C 84 -19.13 30.63 -22.36
C ARG C 84 -19.37 30.99 -20.90
N SER C 85 -20.61 30.81 -20.44
CA SER C 85 -20.96 31.05 -19.04
C SER C 85 -21.07 29.71 -18.32
N PHE C 86 -20.54 29.67 -17.09
CA PHE C 86 -20.48 28.51 -16.23
C PHE C 86 -21.06 28.87 -14.87
N SER C 87 -21.76 27.92 -14.26
CA SER C 87 -22.39 28.15 -12.97
C SER C 87 -22.19 26.92 -12.09
N ASN C 88 -21.33 27.03 -11.08
CA ASN C 88 -21.28 26.02 -10.04
C ASN C 88 -22.45 26.19 -9.09
N ILE C 89 -22.99 25.07 -8.60
CA ILE C 89 -24.01 25.10 -7.56
C ILE C 89 -23.33 24.73 -6.25
N ILE C 90 -23.45 25.59 -5.25
CA ILE C 90 -22.95 25.32 -3.91
C ILE C 90 -24.13 25.34 -2.96
N SER C 91 -24.26 24.29 -2.17
CA SER C 91 -25.34 24.19 -1.20
C SER C 91 -24.74 23.86 0.15
N THR C 92 -24.95 24.72 1.15
CA THR C 92 -24.17 24.70 2.38
C THR C 92 -25.08 24.73 3.60
N LEU C 93 -24.85 23.79 4.52
CA LEU C 93 -25.42 23.90 5.85
C LEU C 93 -24.43 24.67 6.72
N ASN C 94 -24.95 25.63 7.50
CA ASN C 94 -24.14 26.42 8.44
C ASN C 94 -22.97 27.09 7.72
N PRO C 95 -23.24 28.04 6.82
CA PRO C 95 -22.15 28.64 6.05
C PRO C 95 -21.04 29.29 6.89
N THR C 96 -21.35 29.79 8.09
CA THR C 96 -20.32 30.43 8.92
C THR C 96 -19.56 29.44 9.78
N ALA C 97 -19.94 28.16 9.78
CA ALA C 97 -19.14 27.15 10.45
C ALA C 97 -17.74 27.11 9.85
N LYS C 98 -16.73 26.97 10.71
CA LYS C 98 -15.35 27.03 10.24
C LYS C 98 -15.04 25.84 9.33
N ARG C 99 -15.63 24.69 9.62
CA ARG C 99 -15.29 23.43 8.96
C ARG C 99 -16.49 22.83 8.22
N HIS C 100 -16.24 22.29 7.03
CA HIS C 100 -17.26 21.52 6.31
C HIS C 100 -16.62 20.29 5.69
N LEU C 101 -17.30 19.15 5.86
CA LEU C 101 -17.17 18.04 4.94
C LEU C 101 -17.85 18.41 3.63
N VAL C 102 -17.18 18.13 2.53
CA VAL C 102 -17.65 18.58 1.23
C VAL C 102 -17.83 17.37 0.31
N LEU C 103 -19.05 17.18 -0.16
CA LEU C 103 -19.33 16.19 -1.19
C LEU C 103 -19.48 16.91 -2.51
N ALA C 104 -18.98 16.30 -3.60
CA ALA C 104 -19.04 17.00 -4.86
C ALA C 104 -19.14 16.05 -6.04
N CYS C 105 -19.66 16.58 -7.14
CA CYS C 105 -19.64 15.92 -8.44
C CYS C 105 -19.73 17.03 -9.50
N HIS C 106 -19.67 16.65 -10.77
CA HIS C 106 -19.94 17.60 -11.84
C HIS C 106 -21.32 17.32 -12.44
N TYR C 107 -22.07 18.39 -12.72
CA TYR C 107 -23.41 18.23 -13.30
C TYR C 107 -23.48 18.52 -14.80
N ASP C 108 -22.43 19.08 -15.41
CA ASP C 108 -22.41 19.20 -16.86
C ASP C 108 -22.22 17.83 -17.51
N SER C 109 -22.65 17.73 -18.77
CA SER C 109 -22.33 16.56 -19.59
C SER C 109 -21.40 16.95 -20.74
N LYS C 110 -20.54 16.02 -21.15
CA LYS C 110 -19.62 16.31 -22.24
C LYS C 110 -20.38 16.53 -23.54
N TYR C 111 -19.92 17.47 -24.34
CA TYR C 111 -20.52 17.70 -25.64
C TYR C 111 -20.09 16.64 -26.63
N PHE C 112 -21.06 15.99 -27.27
CA PHE C 112 -20.82 15.12 -28.41
C PHE C 112 -21.80 15.48 -29.52
N SER C 113 -21.37 15.34 -30.77
CA SER C 113 -22.29 15.51 -31.88
C SER C 113 -23.20 14.28 -31.98
N HIS C 114 -24.46 14.53 -32.31
CA HIS C 114 -25.48 13.48 -32.21
C HIS C 114 -25.25 12.41 -33.28
N TRP C 115 -25.03 11.17 -32.84
CA TRP C 115 -24.95 10.02 -33.72
C TRP C 115 -26.30 9.33 -33.77
N ASN C 116 -26.65 8.81 -34.95
CA ASN C 116 -28.00 8.28 -35.19
C ASN C 116 -29.03 9.32 -34.74
N ASN C 117 -29.86 8.96 -33.78
CA ASN C 117 -30.68 9.91 -33.04
C ASN C 117 -30.28 10.00 -31.58
N ARG C 118 -29.11 9.46 -31.23
CA ARG C 118 -28.69 9.33 -29.84
C ARG C 118 -27.91 10.55 -29.37
N VAL C 119 -28.13 10.92 -28.11
CA VAL C 119 -27.46 12.06 -27.50
C VAL C 119 -26.75 11.58 -26.23
N PHE C 120 -25.57 12.13 -25.97
CA PHE C 120 -24.81 11.74 -24.78
C PHE C 120 -25.42 12.38 -23.54
N VAL C 121 -25.84 11.56 -22.57
CA VAL C 121 -26.40 12.09 -21.33
C VAL C 121 -25.57 11.77 -20.11
N GLY C 122 -24.41 11.11 -20.28
CA GLY C 122 -23.50 10.87 -19.17
C GLY C 122 -24.16 10.34 -17.92
N ALA C 123 -24.79 9.16 -18.03
CA ALA C 123 -25.54 8.62 -16.88
C ALA C 123 -24.64 8.42 -15.67
N THR C 124 -23.52 7.72 -15.86
CA THR C 124 -22.53 7.60 -14.78
C THR C 124 -21.71 8.86 -14.61
N ASP C 125 -21.73 9.75 -15.61
CA ASP C 125 -20.71 10.78 -15.80
C ASP C 125 -21.37 12.14 -16.05
N SER C 126 -21.94 12.78 -15.02
CA SER C 126 -22.06 12.22 -13.67
C SER C 126 -23.47 12.42 -13.14
N ALA C 127 -24.46 12.02 -13.94
CA ALA C 127 -25.85 12.18 -13.52
C ALA C 127 -26.14 11.38 -12.26
N VAL C 128 -25.60 10.17 -12.16
CA VAL C 128 -25.83 9.33 -10.98
C VAL C 128 -25.16 9.95 -9.76
N PRO C 129 -23.88 10.38 -9.82
CA PRO C 129 -23.32 11.10 -8.66
C PRO C 129 -24.17 12.29 -8.23
N CYS C 130 -24.69 13.08 -9.18
CA CYS C 130 -25.62 14.15 -8.81
C CYS C 130 -26.80 13.60 -8.04
N ALA C 131 -27.44 12.56 -8.57
CA ALA C 131 -28.65 12.06 -7.94
C ALA C 131 -28.33 11.42 -6.60
N MET C 132 -27.14 10.80 -6.48
CA MET C 132 -26.76 10.25 -5.19
C MET C 132 -26.65 11.35 -4.15
N MET C 133 -26.10 12.51 -4.53
CA MET C 133 -25.98 13.58 -3.55
C MET C 133 -27.35 14.11 -3.16
N LEU C 134 -28.26 14.24 -4.13
CA LEU C 134 -29.60 14.70 -3.82
C LEU C 134 -30.33 13.70 -2.93
N GLU C 135 -30.13 12.41 -3.18
CA GLU C 135 -30.78 11.40 -2.36
C GLU C 135 -30.19 11.38 -0.95
N LEU C 136 -28.87 11.62 -0.83
CA LEU C 136 -28.28 11.75 0.50
C LEU C 136 -28.91 12.89 1.29
N ALA C 137 -29.06 14.05 0.66
CA ALA C 137 -29.65 15.19 1.35
C ALA C 137 -31.08 14.88 1.79
N ARG C 138 -31.85 14.22 0.93
CA ARG C 138 -33.22 13.85 1.28
C ARG C 138 -33.25 12.81 2.38
N ALA C 139 -32.50 11.71 2.21
CA ALA C 139 -32.59 10.61 3.17
C ALA C 139 -32.12 11.04 4.56
N LEU C 140 -31.15 11.95 4.63
CA LEU C 140 -30.58 12.37 5.91
C LEU C 140 -31.21 13.67 6.41
N ASP C 141 -32.31 14.10 5.80
CA ASP C 141 -32.84 15.44 6.05
C ASP C 141 -33.11 15.69 7.54
N LYS C 142 -33.79 14.75 8.21
CA LYS C 142 -34.13 14.98 9.62
C LYS C 142 -32.88 15.06 10.49
N LYS C 143 -31.91 14.18 10.24
CA LYS C 143 -30.66 14.22 10.99
C LYS C 143 -29.88 15.50 10.70
N LEU C 144 -29.81 15.90 9.43
CA LEU C 144 -29.08 17.11 9.08
C LEU C 144 -29.76 18.35 9.63
N LEU C 145 -31.10 18.32 9.73
CA LEU C 145 -31.85 19.41 10.32
C LEU C 145 -31.34 19.75 11.72
N SER C 146 -30.79 18.77 12.43
CA SER C 146 -30.27 19.01 13.77
C SER C 146 -28.97 19.82 13.78
N LEU C 147 -28.30 19.98 12.64
CA LEU C 147 -27.15 20.89 12.61
C LEU C 147 -27.58 22.36 12.78
N LYS C 148 -28.86 22.67 12.59
CA LYS C 148 -29.38 24.01 12.83
C LYS C 148 -29.33 24.39 14.30
N THR C 149 -29.10 23.43 15.18
CA THR C 149 -29.05 23.68 16.62
C THR C 149 -27.63 24.05 17.01
N VAL C 150 -27.49 25.18 17.69
CA VAL C 150 -26.20 25.68 18.13
C VAL C 150 -25.72 24.88 19.33
N SER C 151 -24.42 24.61 19.39
CA SER C 151 -23.85 23.80 20.44
C SER C 151 -22.56 24.44 20.96
N ASP C 152 -22.32 24.27 22.26
CA ASP C 152 -21.01 24.55 22.82
C ASP C 152 -20.03 23.42 22.54
N SER C 153 -20.53 22.19 22.47
CA SER C 153 -19.72 21.02 22.12
C SER C 153 -19.49 20.93 20.62
N PRO C 155 -17.86 19.81 17.57
CA PRO C 155 -16.98 20.59 16.69
C PRO C 155 -17.77 21.52 15.78
N ASP C 156 -17.11 22.57 15.30
CA ASP C 156 -17.74 23.58 14.46
C ASP C 156 -17.68 23.12 13.01
N LEU C 157 -18.49 22.09 12.72
CA LEU C 157 -18.35 21.31 11.50
C LEU C 157 -19.72 21.04 10.89
N SER C 158 -19.87 21.25 9.59
CA SER C 158 -21.16 20.97 8.95
C SER C 158 -20.91 20.39 7.56
N LEU C 159 -21.93 20.44 6.70
CA LEU C 159 -21.90 19.73 5.42
C LEU C 159 -22.06 20.71 4.27
N GLN C 160 -21.34 20.48 3.20
CA GLN C 160 -21.49 21.28 1.99
C GLN C 160 -21.53 20.36 0.79
N LEU C 161 -22.39 20.70 -0.17
CA LEU C 161 -22.47 20.02 -1.46
C LEU C 161 -22.02 20.96 -2.57
N ILE C 162 -21.22 20.44 -3.51
CA ILE C 162 -20.82 21.22 -4.68
C ILE C 162 -21.12 20.43 -5.94
N PHE C 163 -21.86 21.04 -6.85
CA PHE C 163 -22.14 20.53 -8.19
C PHE C 163 -21.38 21.40 -9.18
N PHE C 164 -20.21 20.91 -9.63
CA PHE C 164 -19.36 21.69 -10.51
C PHE C 164 -19.94 21.72 -11.93
N ASP C 165 -19.83 22.88 -12.57
CA ASP C 165 -20.09 23.04 -13.98
C ASP C 165 -18.78 22.95 -14.75
N GLY C 166 -18.86 22.57 -16.03
CA GLY C 166 -17.71 22.65 -16.90
C GLY C 166 -16.54 21.74 -16.56
N GLU C 167 -16.80 20.59 -15.93
CA GLU C 167 -15.71 19.63 -15.71
C GLU C 167 -15.10 19.15 -17.01
N GLU C 168 -15.95 18.85 -18.00
CA GLU C 168 -15.51 18.17 -19.21
C GLU C 168 -14.88 19.14 -20.20
N ALA C 169 -13.89 18.63 -20.95
CA ALA C 169 -13.33 19.36 -22.07
C ALA C 169 -14.37 19.58 -23.15
N PHE C 170 -14.27 20.72 -23.83
CA PHE C 170 -15.10 20.97 -25.00
C PHE C 170 -14.56 20.21 -26.20
N LEU C 171 -13.25 20.19 -26.36
CA LEU C 171 -12.60 19.51 -27.47
C LEU C 171 -11.69 18.40 -26.98
N HIS C 172 -10.45 18.76 -26.66
CA HIS C 172 -9.43 17.81 -26.22
C HIS C 172 -8.95 18.20 -24.83
N TRP C 173 -8.90 17.23 -23.92
CA TRP C 173 -8.58 17.52 -22.54
C TRP C 173 -7.21 18.19 -22.44
N SER C 174 -7.17 19.33 -21.74
CA SER C 174 -5.95 20.10 -21.57
C SER C 174 -6.12 20.96 -20.33
N PRO C 175 -5.02 21.50 -19.78
CA PRO C 175 -5.16 22.40 -18.62
C PRO C 175 -6.10 23.58 -18.87
N GLN C 176 -6.16 24.08 -20.11
CA GLN C 176 -7.03 25.20 -20.45
C GLN C 176 -8.43 24.75 -20.86
N ASP C 177 -8.59 23.52 -21.29
CA ASP C 177 -9.89 23.02 -21.72
C ASP C 177 -10.32 21.86 -20.84
N SER C 178 -10.62 22.17 -19.59
CA SER C 178 -11.03 21.19 -18.60
C SER C 178 -11.25 22.00 -17.33
N LEU C 179 -12.03 21.41 -16.41
CA LEU C 179 -12.18 21.83 -15.03
C LEU C 179 -12.49 23.32 -14.89
N TYR C 180 -13.33 23.82 -15.80
CA TYR C 180 -13.65 25.23 -15.81
C TYR C 180 -14.23 25.66 -14.48
N GLY C 181 -15.27 24.96 -14.01
CA GLY C 181 -15.90 25.35 -12.76
C GLY C 181 -15.04 25.12 -11.54
N SER C 182 -14.33 23.99 -11.48
CA SER C 182 -13.56 23.69 -10.30
C SER C 182 -12.29 24.54 -10.22
N ARG C 183 -11.69 24.90 -11.36
CA ARG C 183 -10.53 25.78 -11.25
C ARG C 183 -10.95 27.16 -10.79
N HIS C 184 -12.11 27.61 -11.26
CA HIS C 184 -12.64 28.90 -10.82
C HIS C 184 -12.96 28.89 -9.34
N LEU C 185 -13.68 27.87 -8.87
CA LEU C 185 -14.18 27.88 -7.51
C LEU C 185 -13.05 27.68 -6.51
N ALA C 186 -12.08 26.85 -6.85
CA ALA C 186 -10.96 26.66 -5.93
C ALA C 186 -10.16 27.94 -5.78
N ALA C 187 -9.97 28.66 -6.89
CA ALA C 187 -9.26 29.93 -6.82
C ALA C 187 -10.03 30.95 -6.00
N LYS C 188 -11.35 31.01 -6.19
CA LYS C 188 -12.17 31.93 -5.41
C LYS C 188 -12.12 31.59 -3.92
N MET C 189 -12.26 30.31 -3.59
CA MET C 189 -12.23 29.92 -2.18
C MET C 189 -10.87 30.20 -1.57
N ALA C 190 -9.79 29.99 -2.34
CA ALA C 190 -8.45 30.22 -1.82
C ALA C 190 -8.24 31.67 -1.42
N SER C 191 -8.91 32.60 -2.11
CA SER C 191 -8.76 34.03 -1.90
CA SER C 191 -8.69 34.01 -1.82
C SER C 191 -9.75 34.60 -0.89
N THR C 192 -10.69 33.78 -0.38
CA THR C 192 -11.77 34.30 0.46
C THR C 192 -11.52 33.98 1.93
N PRO C 193 -11.49 34.98 2.81
CA PRO C 193 -11.34 34.71 4.24
C PRO C 193 -12.42 33.79 4.79
N HIS C 194 -12.02 32.90 5.69
CA HIS C 194 -12.99 32.07 6.38
C HIS C 194 -12.38 31.75 7.74
N PRO C 195 -13.15 31.91 8.84
CA PRO C 195 -14.51 32.49 8.87
C PRO C 195 -14.43 33.97 8.47
N PRO C 196 -15.57 34.61 8.19
CA PRO C 196 -15.52 36.03 7.80
C PRO C 196 -14.76 36.86 8.83
N GLY C 197 -13.89 37.74 8.35
CA GLY C 197 -13.05 38.55 9.20
C GLY C 197 -11.75 37.91 9.65
N ALA C 198 -11.50 36.65 9.29
CA ALA C 198 -10.28 36.00 9.75
C ALA C 198 -9.05 36.61 9.11
N ARG C 199 -7.92 36.45 9.78
CA ARG C 199 -6.61 36.64 9.19
C ARG C 199 -6.04 35.30 8.78
N GLY C 200 -5.40 35.27 7.62
CA GLY C 200 -4.68 34.09 7.18
C GLY C 200 -5.57 33.02 6.55
N THR C 201 -6.53 32.51 7.30
CA THR C 201 -7.25 31.32 6.87
C THR C 201 -8.23 31.62 5.73
N SER C 202 -8.31 30.70 4.76
CA SER C 202 -9.23 30.83 3.62
C SER C 202 -10.38 29.85 3.73
N GLN C 203 -11.33 29.95 2.78
CA GLN C 203 -12.37 28.93 2.71
C GLN C 203 -11.79 27.55 2.45
N LEU C 204 -10.63 27.49 1.80
CA LEU C 204 -10.01 26.18 1.59
C LEU C 204 -9.52 25.55 2.89
N HIS C 205 -9.07 26.36 3.86
CA HIS C 205 -8.73 25.79 5.16
C HIS C 205 -9.95 25.14 5.79
N GLY C 206 -11.14 25.67 5.49
CA GLY C 206 -12.37 25.14 6.08
C GLY C 206 -12.79 23.80 5.51
N MET C 207 -12.23 23.40 4.37
CA MET C 207 -12.61 22.11 3.77
C MET C 207 -11.89 21.01 4.52
N ASP C 208 -12.62 20.29 5.36
CA ASP C 208 -12.07 19.15 6.08
C ASP C 208 -11.57 18.09 5.13
N LEU C 209 -12.36 17.81 4.11
CA LEU C 209 -12.19 16.67 3.22
C LEU C 209 -13.15 16.87 2.06
N LEU C 210 -12.65 16.69 0.85
CA LEU C 210 -13.46 16.78 -0.35
C LEU C 210 -13.68 15.36 -0.84
N VAL C 211 -14.94 14.93 -0.84
CA VAL C 211 -15.31 13.63 -1.34
C VAL C 211 -15.93 13.86 -2.71
N LEU C 212 -15.19 13.48 -3.75
CA LEU C 212 -15.55 13.75 -5.14
C LEU C 212 -16.02 12.46 -5.78
N LEU C 213 -17.29 12.42 -6.17
CA LEU C 213 -17.89 11.27 -6.84
CA LEU C 213 -17.89 11.27 -6.84
C LEU C 213 -17.86 11.50 -8.35
N ASP C 214 -17.42 10.50 -9.09
CA ASP C 214 -17.36 10.62 -10.54
C ASP C 214 -17.41 9.22 -11.15
N LEU C 215 -18.15 9.09 -12.26
CA LEU C 215 -18.18 7.83 -13.03
C LEU C 215 -18.73 6.68 -12.20
N ILE C 216 -19.84 6.93 -11.51
CA ILE C 216 -20.46 5.94 -10.64
C ILE C 216 -21.78 5.50 -11.28
N GLY C 217 -22.06 4.20 -11.24
CA GLY C 217 -23.33 3.69 -11.68
C GLY C 217 -23.22 2.40 -12.48
N ALA C 218 -22.01 2.08 -12.93
CA ALA C 218 -21.73 0.82 -13.60
C ALA C 218 -21.69 -0.33 -12.61
N PRO C 219 -21.94 -1.56 -13.05
CA PRO C 219 -21.80 -2.71 -12.14
C PRO C 219 -20.34 -2.99 -11.84
N ASN C 220 -20.11 -3.64 -10.68
CA ASN C 220 -18.80 -4.06 -10.19
C ASN C 220 -17.71 -3.00 -10.35
N PRO C 221 -17.92 -1.80 -9.83
CA PRO C 221 -16.84 -0.82 -9.81
C PRO C 221 -15.79 -1.20 -8.78
N THR C 222 -14.55 -0.76 -9.03
CA THR C 222 -13.47 -0.97 -8.09
C THR C 222 -12.80 0.38 -7.88
N PHE C 223 -12.98 0.93 -6.68
CA PHE C 223 -12.37 2.20 -6.33
C PHE C 223 -11.03 1.95 -5.68
N PRO C 224 -9.93 2.49 -6.21
CA PRO C 224 -8.65 2.45 -5.48
C PRO C 224 -8.58 3.51 -4.41
N ASN C 225 -7.68 3.28 -3.46
CA ASN C 225 -7.35 4.23 -2.40
C ASN C 225 -6.22 5.13 -2.91
N PHE C 226 -6.56 6.34 -3.34
CA PHE C 226 -5.60 7.11 -4.12
C PHE C 226 -4.57 7.83 -3.26
N PHE C 227 -4.96 8.33 -2.09
CA PHE C 227 -4.16 9.34 -1.39
C PHE C 227 -3.84 8.94 0.04
N PRO C 228 -2.58 9.00 0.46
CA PRO C 228 -2.26 8.65 1.86
C PRO C 228 -2.95 9.52 2.89
N ASN C 229 -3.11 10.82 2.61
CA ASN C 229 -3.70 11.70 3.61
C ASN C 229 -5.22 11.59 3.67
N SER C 230 -5.85 10.78 2.81
CA SER C 230 -7.25 10.42 2.98
C SER C 230 -7.45 8.93 3.24
N ALA C 231 -6.38 8.15 3.35
CA ALA C 231 -6.49 6.69 3.37
C ALA C 231 -7.23 6.21 4.60
N ARG C 232 -7.13 6.92 5.73
CA ARG C 232 -7.92 6.47 6.88
C ARG C 232 -9.42 6.65 6.65
N TRP C 233 -9.82 7.66 5.86
CA TRP C 233 -11.23 7.79 5.55
C TRP C 233 -11.65 6.81 4.48
N PHE C 234 -10.77 6.51 3.52
CA PHE C 234 -11.03 5.41 2.60
C PHE C 234 -11.25 4.11 3.36
N GLU C 235 -10.43 3.85 4.38
CA GLU C 235 -10.62 2.62 5.14
C GLU C 235 -11.97 2.58 5.84
N ARG C 236 -12.51 3.73 6.25
CA ARG C 236 -13.85 3.72 6.82
C ARG C 236 -14.89 3.27 5.79
N LEU C 237 -14.78 3.75 4.55
CA LEU C 237 -15.68 3.26 3.50
C LEU C 237 -15.56 1.75 3.33
N GLN C 238 -14.33 1.23 3.35
CA GLN C 238 -14.14 -0.23 3.31
C GLN C 238 -14.85 -0.91 4.47
N ALA C 239 -14.69 -0.37 5.68
CA ALA C 239 -15.29 -1.00 6.86
C ALA C 239 -16.80 -0.88 6.83
N ILE C 240 -17.32 0.26 6.36
CA ILE C 240 -18.76 0.40 6.24
C ILE C 240 -19.30 -0.60 5.22
N GLU C 241 -18.66 -0.68 4.05
CA GLU C 241 -19.07 -1.66 3.05
C GLU C 241 -19.11 -3.06 3.66
N HIS C 242 -18.04 -3.45 4.34
CA HIS C 242 -17.95 -4.79 4.94
C HIS C 242 -19.06 -5.03 5.95
N GLU C 243 -19.32 -4.06 6.84
CA GLU C 243 -20.32 -4.28 7.88
C GLU C 243 -21.73 -4.31 7.29
N LEU C 244 -22.03 -3.42 6.34
CA LEU C 244 -23.34 -3.46 5.72
C LEU C 244 -23.55 -4.80 5.01
N HIS C 245 -22.51 -5.34 4.39
CA HIS C 245 -22.59 -6.65 3.76
C HIS C 245 -22.85 -7.74 4.78
N GLU C 246 -22.03 -7.78 5.84
CA GLU C 246 -22.19 -8.79 6.88
C GLU C 246 -23.59 -8.76 7.48
N LEU C 247 -24.16 -7.56 7.63
CA LEU C 247 -25.49 -7.39 8.20
C LEU C 247 -26.60 -7.71 7.22
N GLY C 248 -26.29 -8.07 5.97
CA GLY C 248 -27.33 -8.35 4.99
C GLY C 248 -28.08 -7.13 4.49
N LEU C 249 -27.47 -5.94 4.55
CA LEU C 249 -28.12 -4.71 4.16
C LEU C 249 -27.71 -4.22 2.78
N LEU C 250 -26.90 -4.99 2.06
CA LEU C 250 -26.60 -4.70 0.66
C LEU C 250 -27.32 -5.71 -0.22
N LYS C 251 -27.40 -5.40 -1.50
CA LYS C 251 -28.12 -6.26 -2.44
C LYS C 251 -27.21 -6.63 -3.61
N ASP C 252 -27.21 -7.93 -3.95
CA ASP C 252 -26.38 -8.47 -5.04
C ASP C 252 -24.91 -8.11 -4.83
N HIS C 253 -24.41 -8.33 -3.62
CA HIS C 253 -23.08 -7.87 -3.21
C HIS C 253 -22.31 -9.04 -2.63
N SER C 254 -21.09 -9.24 -3.11
CA SER C 254 -20.19 -10.26 -2.62
C SER C 254 -18.99 -9.61 -1.95
N LEU C 255 -18.38 -10.35 -1.02
CA LEU C 255 -17.11 -9.90 -0.46
C LEU C 255 -16.03 -9.83 -1.54
N GLU C 256 -15.95 -10.84 -2.40
CA GLU C 256 -14.92 -10.83 -3.42
C GLU C 256 -15.23 -9.89 -4.58
N GLY C 257 -16.45 -9.41 -4.70
CA GLY C 257 -16.75 -8.35 -5.65
C GLY C 257 -16.95 -7.00 -4.99
N ARG C 258 -16.20 -6.70 -3.93
CA ARG C 258 -16.41 -5.47 -3.17
C ARG C 258 -15.92 -4.25 -3.96
N TYR C 259 -16.40 -3.06 -3.56
CA TYR C 259 -16.10 -1.86 -4.34
C TYR C 259 -14.82 -1.16 -3.91
N PHE C 260 -14.55 -1.06 -2.61
CA PHE C 260 -13.45 -0.26 -2.10
C PHE C 260 -12.23 -1.15 -1.83
N GLN C 261 -11.16 -0.91 -2.57
CA GLN C 261 -10.06 -1.84 -2.74
C GLN C 261 -8.87 -1.47 -1.85
N ASN C 262 -8.05 -2.49 -1.52
CA ASN C 262 -6.87 -2.24 -0.70
C ASN C 262 -5.82 -1.44 -1.44
N TYR C 263 -5.70 -1.62 -2.74
CA TYR C 263 -4.57 -1.10 -3.47
C TYR C 263 -4.80 0.36 -3.88
N SER C 264 -3.72 0.99 -4.32
CA SER C 264 -3.77 2.37 -4.79
CA SER C 264 -3.79 2.37 -4.79
C SER C 264 -3.73 2.40 -6.32
N TYR C 265 -3.25 3.50 -6.89
CA TYR C 265 -3.31 3.68 -8.34
C TYR C 265 -1.96 4.13 -8.87
N GLY C 266 -1.61 3.61 -10.05
CA GLY C 266 -0.33 3.81 -10.70
C GLY C 266 -0.13 5.14 -11.41
N GLY C 267 -1.13 5.99 -11.45
CA GLY C 267 -0.98 7.29 -12.08
C GLY C 267 -1.65 8.41 -11.31
N VAL C 268 -2.14 9.42 -12.03
CA VAL C 268 -2.83 10.57 -11.44
C VAL C 268 -4.03 10.86 -12.32
N ILE C 269 -5.23 10.78 -11.75
CA ILE C 269 -6.45 11.02 -12.54
C ILE C 269 -6.82 12.49 -12.43
N GLN C 270 -6.89 13.17 -13.57
CA GLN C 270 -7.31 14.56 -13.60
C GLN C 270 -8.83 14.64 -13.44
N ASP C 271 -9.28 15.54 -12.56
CA ASP C 271 -10.69 15.69 -12.24
C ASP C 271 -10.84 16.95 -11.40
N ASP C 272 -12.10 17.22 -11.01
CA ASP C 272 -12.43 18.46 -10.31
C ASP C 272 -11.65 18.65 -9.03
N HIS C 273 -11.05 17.59 -8.48
CA HIS C 273 -10.34 17.74 -7.22
C HIS C 273 -8.96 18.36 -7.39
N ILE C 274 -8.42 18.33 -8.61
CA ILE C 274 -7.05 18.80 -8.82
C ILE C 274 -6.83 20.21 -8.29
N PRO C 275 -7.65 21.20 -8.59
CA PRO C 275 -7.38 22.56 -8.08
C PRO C 275 -7.43 22.65 -6.56
N PHE C 276 -8.16 21.75 -5.90
CA PHE C 276 -8.21 21.73 -4.45
C PHE C 276 -7.03 20.95 -3.87
N LEU C 277 -6.73 19.80 -4.48
CA LEU C 277 -5.59 18.98 -4.08
C LEU C 277 -4.28 19.78 -4.12
N ARG C 278 -4.03 20.48 -5.23
CA ARG C 278 -2.76 21.19 -5.36
C ARG C 278 -2.63 22.35 -4.38
N ARG C 279 -3.71 22.76 -3.74
CA ARG C 279 -3.64 23.78 -2.70
C ARG C 279 -3.74 23.19 -1.29
N GLY C 280 -3.64 21.86 -1.17
CA GLY C 280 -3.51 21.20 0.11
C GLY C 280 -4.79 20.64 0.70
N VAL C 281 -5.90 20.70 -0.01
CA VAL C 281 -7.15 20.13 0.55
C VAL C 281 -7.07 18.61 0.51
N PRO C 282 -7.34 17.92 1.61
CA PRO C 282 -7.45 16.44 1.55
C PRO C 282 -8.61 16.02 0.66
N VAL C 283 -8.37 15.01 -0.17
CA VAL C 283 -9.34 14.57 -1.16
C VAL C 283 -9.59 13.08 -1.01
N LEU C 284 -10.85 12.70 -1.01
CA LEU C 284 -11.26 11.31 -1.21
C LEU C 284 -11.91 11.23 -2.58
N HIS C 285 -11.20 10.63 -3.54
CA HIS C 285 -11.62 10.65 -4.95
C HIS C 285 -12.34 9.35 -5.27
N LEU C 286 -13.67 9.38 -5.20
CA LEU C 286 -14.49 8.21 -5.44
C LEU C 286 -14.76 8.13 -6.94
N ILE C 287 -13.74 7.67 -7.67
CA ILE C 287 -13.80 7.41 -9.09
C ILE C 287 -13.24 6.00 -9.25
N PRO C 288 -13.85 5.13 -10.04
CA PRO C 288 -13.34 3.77 -10.19
C PRO C 288 -12.17 3.69 -11.16
N SER C 289 -11.41 2.62 -11.02
CA SER C 289 -10.37 2.25 -11.96
C SER C 289 -10.54 0.76 -12.15
N PRO C 290 -10.87 0.28 -13.37
CA PRO C 290 -11.01 1.13 -14.57
C PRO C 290 -12.30 1.97 -14.59
N PHE C 291 -12.37 2.93 -15.51
CA PHE C 291 -13.62 3.63 -15.75
C PHE C 291 -14.68 2.64 -16.24
N PRO C 292 -15.97 3.00 -16.14
CA PRO C 292 -17.02 2.15 -16.73
C PRO C 292 -16.71 1.84 -18.20
N GLU C 293 -17.10 0.64 -18.62
CA GLU C 293 -16.99 0.23 -20.02
C GLU C 293 -17.61 1.24 -20.97
N VAL C 294 -18.70 1.90 -20.55
CA VAL C 294 -19.46 2.76 -21.45
C VAL C 294 -18.92 4.18 -21.49
N TRP C 295 -17.73 4.40 -20.91
CA TRP C 295 -17.23 5.76 -20.69
C TRP C 295 -17.04 6.52 -21.99
N HIS C 296 -17.64 7.71 -22.05
CA HIS C 296 -17.57 8.61 -23.21
C HIS C 296 -18.07 7.93 -24.49
N THR C 297 -19.04 7.06 -24.33
CA THR C 297 -19.81 6.48 -25.43
C THR C 297 -21.28 6.79 -25.23
N MET C 298 -22.05 6.66 -26.33
CA MET C 298 -23.49 6.86 -26.27
C MET C 298 -24.17 5.82 -25.39
N ASP C 299 -23.50 4.72 -25.08
CA ASP C 299 -24.04 3.70 -24.19
C ASP C 299 -23.99 4.09 -22.73
N ASP C 300 -23.38 5.24 -22.38
CA ASP C 300 -23.42 5.66 -20.97
C ASP C 300 -24.78 6.26 -20.69
N ASN C 301 -25.76 5.38 -20.53
CA ASN C 301 -27.17 5.74 -20.50
C ASN C 301 -27.85 5.01 -19.34
N GLU C 302 -29.15 5.24 -19.19
CA GLU C 302 -29.90 4.62 -18.10
C GLU C 302 -29.86 3.09 -18.19
N GLU C 303 -30.02 2.55 -19.40
CA GLU C 303 -30.12 1.10 -19.55
C GLU C 303 -28.94 0.38 -18.92
N ASN C 304 -27.75 0.98 -19.01
CA ASN C 304 -26.53 0.33 -18.57
C ASN C 304 -26.17 0.64 -17.12
N LEU C 305 -26.98 1.43 -16.42
CA LEU C 305 -26.80 1.59 -14.99
C LEU C 305 -27.25 0.34 -14.25
N ASP C 306 -26.66 0.12 -13.08
CA ASP C 306 -27.00 -1.00 -12.21
C ASP C 306 -27.58 -0.46 -10.91
N GLU C 307 -28.89 -0.68 -10.71
CA GLU C 307 -29.60 -0.03 -9.61
C GLU C 307 -29.11 -0.52 -8.25
N SER C 308 -28.84 -1.83 -8.10
CA SER C 308 -28.41 -2.32 -6.78
C SER C 308 -27.04 -1.75 -6.40
N THR C 309 -26.12 -1.64 -7.37
CA THR C 309 -24.82 -1.04 -7.08
C THR C 309 -24.99 0.38 -6.52
N ILE C 310 -25.82 1.18 -7.17
CA ILE C 310 -26.03 2.56 -6.76
C ILE C 310 -26.72 2.61 -5.40
N ASP C 311 -27.70 1.73 -5.19
CA ASP C 311 -28.37 1.62 -3.90
C ASP C 311 -27.38 1.29 -2.79
N ASN C 312 -26.49 0.31 -3.02
CA ASN C 312 -25.48 -0.04 -2.02
C ASN C 312 -24.56 1.15 -1.74
N LEU C 313 -24.07 1.79 -2.79
CA LEU C 313 -23.19 2.93 -2.61
C LEU C 313 -23.89 4.07 -1.88
N ASN C 314 -25.18 4.29 -2.16
CA ASN C 314 -25.94 5.28 -1.39
C ASN C 314 -25.90 4.98 0.10
N LYS C 315 -26.10 3.70 0.46
CA LYS C 315 -26.10 3.34 1.87
C LYS C 315 -24.74 3.63 2.50
N ILE C 316 -23.66 3.20 1.82
CA ILE C 316 -22.32 3.36 2.34
C ILE C 316 -21.97 4.83 2.52
N LEU C 317 -22.30 5.66 1.52
CA LEU C 317 -21.97 7.08 1.57
C LEU C 317 -22.75 7.78 2.67
N GLN C 318 -24.02 7.40 2.82
CA GLN C 318 -24.83 8.04 3.86
C GLN C 318 -24.32 7.69 5.24
N VAL C 319 -23.93 6.42 5.46
CA VAL C 319 -23.32 6.04 6.72
C VAL C 319 -22.04 6.84 6.96
N PHE C 320 -21.16 6.89 5.95
CA PHE C 320 -19.92 7.65 6.07
C PHE C 320 -20.19 9.08 6.51
N VAL C 321 -21.14 9.75 5.84
CA VAL C 321 -21.39 11.16 6.14
C VAL C 321 -21.90 11.32 7.56
N LEU C 322 -22.85 10.47 7.98
CA LEU C 322 -23.38 10.56 9.34
C LEU C 322 -22.26 10.35 10.36
N GLU C 323 -21.42 9.33 10.14
CA GLU C 323 -20.33 9.03 11.06
C GLU C 323 -19.33 10.18 11.10
N TYR C 324 -19.04 10.79 9.95
CA TYR C 324 -18.15 11.96 9.95
C TYR C 324 -18.72 13.10 10.78
N LEU C 325 -20.02 13.37 10.61
CA LEU C 325 -20.65 14.51 11.24
C LEU C 325 -21.12 14.22 12.66
N HIS C 326 -20.95 12.98 13.14
CA HIS C 326 -21.42 12.58 14.46
C HIS C 326 -22.94 12.75 14.58
N LEU C 327 -23.67 12.33 13.55
CA LEU C 327 -25.12 12.39 13.57
C LEU C 327 -25.75 11.01 13.55
ZN ZN D . 10.46 18.20 18.49
S SO4 E . 25.85 14.82 6.89
O1 SO4 E . 26.02 15.86 7.89
O2 SO4 E . 25.04 13.73 7.47
O3 SO4 E . 25.11 15.35 5.75
O4 SO4 E . 27.13 14.30 6.48
C1 Q39 F . 10.73 15.98 16.21
C10 Q39 F . 8.52 19.92 9.10
C11 Q39 F . 7.72 22.20 9.56
C12 Q39 F . 7.11 20.06 8.93
C13 Q39 F . 7.53 23.63 9.90
C14 Q39 F . 6.13 18.98 8.51
C15 Q39 F . 4.89 16.91 7.71
C16 Q39 F . 3.99 17.95 8.03
C17 Q39 F . 4.69 19.18 8.49
C2 Q39 F . 10.91 15.87 14.72
C3 Q39 F . 11.57 17.11 14.33
C4 Q39 F . 11.81 17.21 12.86
C5 Q39 F . 9.80 15.80 12.44
C6 Q39 F . 9.63 15.69 13.92
C7 Q39 F . 10.33 17.85 10.97
C8 Q39 F . 9.12 17.70 10.06
C9 Q39 F . 9.32 18.69 8.90
N1 Q39 F . 11.23 14.98 17.08
N2 Q39 F . 10.61 16.93 12.09
N3 Q39 F . 6.72 21.34 9.20
O1 Q39 F . 10.19 16.98 16.70
O2 Q39 F . 11.08 18.78 10.75
S1 Q39 F . 9.26 21.41 9.59
S2 Q39 F . 6.47 17.39 7.96
C1 EDO G . 3.01 14.68 9.96
O1 EDO G . 1.74 14.08 9.59
C2 EDO G . 2.80 16.05 10.59
O2 EDO G . 1.87 15.99 11.68
C1 EDO H . 11.47 25.60 12.64
O1 EDO H . 11.72 24.51 11.76
C2 EDO H . 11.51 25.07 14.06
O2 EDO H . 12.83 25.27 14.59
C1 EDO I . 13.00 -7.08 3.68
O1 EDO I . 11.69 -7.51 4.07
C2 EDO I . 14.01 -8.01 4.33
O2 EDO I . 13.88 -7.91 5.75
C1 EDO J . 25.10 -12.61 20.65
O1 EDO J . 25.72 -13.78 20.11
C2 EDO J . 23.86 -13.03 21.44
O2 EDO J . 24.23 -13.99 22.45
C1 EDO K . 29.92 3.83 17.20
O1 EDO K . 31.29 3.91 16.78
C2 EDO K . 29.79 3.80 18.72
O2 EDO K . 30.26 5.04 19.23
C1 EDO L . 26.96 -16.66 11.27
O1 EDO L . 27.08 -15.79 10.14
C2 EDO L . 27.30 -15.90 12.53
O2 EDO L . 27.46 -16.78 13.66
ZN ZN M . 19.98 -15.51 -12.08
S SO4 N . 15.42 -2.91 -26.26
O1 SO4 N . 16.54 -3.82 -26.47
O2 SO4 N . 14.29 -3.66 -25.71
O3 SO4 N . 15.84 -1.88 -25.32
O4 SO4 N . 15.03 -2.33 -27.53
C1 Q39 O . 17.73 -13.54 -12.03
C10 Q39 O . 20.88 -7.27 -8.51
C11 Q39 O . 22.88 -5.86 -8.02
C12 Q39 O . 20.69 -6.33 -7.47
C13 Q39 O . 24.18 -5.18 -7.94
C14 Q39 O . 19.42 -6.17 -6.72
C15 Q39 O . 17.08 -5.66 -5.95
C16 Q39 O . 17.86 -6.19 -4.90
C17 Q39 O . 19.26 -6.50 -5.33
C2 Q39 O . 17.35 -12.09 -12.08
C3 Q39 O . 18.41 -11.45 -12.85
C4 Q39 O . 18.25 -9.97 -12.93
C5 Q39 O . 17.17 -10.04 -10.69
C6 Q39 O . 17.29 -11.53 -10.69
C7 Q39 O . 18.90 -8.22 -11.29
C8 Q39 O . 18.84 -7.53 -9.93
C9 Q39 O . 19.85 -8.22 -9.00
N1 Q39 O . 16.83 -14.49 -12.55
N2 Q39 O . 18.10 -9.40 -11.60
N3 Q39 O . 21.80 -5.58 -7.24
O1 Q39 O . 18.82 -13.87 -11.56
O2 Q39 O . 19.67 -7.75 -12.13
S1 Q39 O . 22.51 -7.14 -9.15
S2 Q39 O . 17.97 -5.53 -7.35
C1 EDO P . 15.74 -8.63 -3.63
O1 EDO P . 15.17 -7.82 -2.58
C2 EDO P . 17.19 -9.02 -3.36
O2 EDO P . 17.32 -10.15 -2.49
C1 EDO Q . -7.44 -3.57 -14.51
O1 EDO Q . -7.34 -5.01 -14.57
C2 EDO Q . -6.61 -3.07 -13.32
O2 EDO Q . -7.17 -3.64 -12.12
C1 EDO R . -10.77 -20.23 -26.38
O1 EDO R . -11.57 -21.40 -26.64
C2 EDO R . -10.60 -19.43 -27.67
O2 EDO R . -11.74 -18.59 -27.89
C1 EDO S . 24.22 -9.59 -11.85
O1 EDO S . 23.15 -10.40 -12.40
C2 EDO S . 25.30 -9.21 -12.87
O2 EDO S . 26.30 -10.24 -13.03
C1 EDO T . -0.12 -2.75 -26.13
O1 EDO T . 1.21 -2.62 -26.65
C2 EDO T . -0.06 -3.07 -24.66
O2 EDO T . -1.33 -3.54 -24.22
C1 EDO U . 16.14 -18.57 4.43
O1 EDO U . 16.69 -19.63 3.64
C2 EDO U . 14.62 -18.58 4.39
O2 EDO U . 14.09 -19.48 5.37
C1 EDO V . 24.90 -21.63 -32.91
O1 EDO V . 23.67 -22.11 -33.46
C2 EDO V . 24.77 -21.45 -31.41
O2 EDO V . 25.50 -20.29 -31.01
C1 EDO W . -2.10 4.45 0.69
O1 EDO W . -0.89 4.41 1.46
C2 EDO W . -2.36 3.08 0.11
O2 EDO W . -3.38 3.16 -0.89
ZN ZN X . -16.62 12.36 -18.86
S SO4 Y . -5.51 27.21 -12.84
O1 SO4 Y . -6.40 27.52 -13.95
O2 SO4 Y . -6.22 26.38 -11.88
O3 SO4 Y . -4.35 26.46 -13.33
O4 SO4 Y . -5.05 28.45 -12.23
C1 Q39 Z . -14.54 12.35 -16.54
C10 Q39 Z . -8.05 9.54 -19.85
C11 Q39 Z . -6.85 9.31 -22.03
C12 Q39 Z . -7.08 8.52 -19.88
C13 Q39 Z . -6.32 9.40 -23.39
C14 Q39 Z . -6.76 7.62 -18.74
C15 Q39 Z . -6.18 6.62 -16.52
C16 Q39 Z . -6.29 5.60 -17.50
C17 Q39 Z . -6.64 6.19 -18.83
C2 Q39 Z . -13.09 12.48 -16.16
C3 Q39 Z . -12.54 13.33 -17.22
C4 Q39 Z . -11.07 13.59 -17.08
C5 Q39 Z . -10.82 11.36 -16.06
C6 Q39 Z . -12.31 11.18 -16.11
C7 Q39 Z . -9.11 12.21 -17.81
C8 Q39 Z . -8.24 10.95 -17.82
C9 Q39 Z . -8.92 9.90 -18.70
N1 Q39 Z . -15.59 12.72 -15.64
N2 Q39 Z . -10.32 12.35 -16.98
N3 Q39 Z . -6.44 8.43 -21.09
O1 Q39 Z . -14.86 11.97 -17.69
O2 Q39 Z . -8.76 13.11 -18.59
S1 Q39 Z . -8.11 10.35 -21.40
S2 Q39 Z . -6.45 8.14 -17.14
C1 EDO AA . -8.72 4.40 -15.48
O1 EDO AA . -8.34 3.17 -14.85
C2 EDO AA . -9.23 4.19 -16.91
O2 EDO AA . -10.32 3.26 -16.98
C1 EDO BA . -4.98 13.31 8.83
O1 EDO BA . -6.42 13.19 8.69
C2 EDO BA . -4.30 12.34 7.85
O2 EDO BA . -4.69 10.99 8.14
C1 EDO CA . -10.67 14.58 -24.50
O1 EDO CA . -11.85 14.84 -25.27
C2 EDO CA . -9.55 14.19 -25.46
O2 EDO CA . -10.14 13.65 -26.64
C1 EDO DA . -38.61 14.16 1.46
O1 EDO DA . -39.39 13.13 0.83
C2 EDO DA . -39.49 15.31 1.93
O2 EDO DA . -38.68 16.40 2.37
C1 EDO EA . -1.78 7.36 -16.08
O1 EDO EA . -2.43 6.09 -16.03
C2 EDO EA . -2.80 8.48 -16.26
O2 EDO EA . -3.63 8.58 -15.11
C1 EDO FA . -16.40 30.69 -2.86
O1 EDO FA . -16.34 32.02 -2.32
C2 EDO FA . -17.74 30.05 -2.54
O2 EDO FA . -18.78 30.85 -3.10
C1 EDO GA . -0.55 15.42 7.28
O1 EDO GA . -1.27 14.58 6.37
C2 EDO GA . -1.04 15.11 8.70
O2 EDO GA . -2.45 15.35 8.79
#